data_7N8N
#
_entry.id   7N8N
#
_cell.length_a   1.00
_cell.length_b   1.00
_cell.length_c   1.00
_cell.angle_alpha   90.00
_cell.angle_beta   90.00
_cell.angle_gamma   90.00
#
_symmetry.space_group_name_H-M   'P 1'
#
loop_
_entity.id
_entity.type
_entity.pdbx_description
1 polymer 'Histone H4-H3 doublet'
2 polymer 'Histone H2B-H2A doublet'
3 polymer 'DNA (147-MER)'
4 polymer 'DNA (147-MER)'
#
loop_
_entity_poly.entity_id
_entity_poly.type
_entity_poly.pdbx_seq_one_letter_code
_entity_poly.pdbx_strand_id
1 'polypeptide(L)'
;MHHHHHHGKPIPNPLLGLDSTENLYFQGSSKAGKKVKAQQHGHLADHVSVGETQIPKASTQHLLRKAGSLSAAGDTEVPI
RGFVHMKLHKLVQKSLLAMQLAKRKTIMKSDVKKAAELMHLPVFAIPTKDSGAKGSVFLSCRQKGAGSAGTGSETNSQEV
RSQMKSTCLIIPKERFRTMAKEISKKEGHDVHIAEAALDMLQVIVESCTVRLLEKALVITYSGKRTRVTSKDIETAFMLE
HGPL
;
A,C
2 'polypeptide(L)'
;MHHHHHHGKPIPNPLLGLDSTENLYFQGSATQKETTRKRDKSVNFRLGLRNMLAQIHPDISVQTEALSELSNIAVFLGKK
ISHGAVTLLPEGTKTIKSSAVLLAAGDLYGKDLGRHAVGEMTKAVTRYGSAKESKEGSRSSKAKLQISVARSERLLREHG
GCSRVSEGAAVALAAAIEYFMGEVLELAGNAARDSKKVRISVKHITLAIQNDAALFAVVGKGVFSGAGVSLISVPIPRKK
ARKTTEKEASSPKKKAAPKKKKAASKQKKSLSDKELAKLTKKELAKYEKEQGMSPGY
;
B,D
3 'polydeoxyribonucleotide'
;(DA)(DT)(DC)(DT)(DG)(DA)(DG)(DA)(DA)(DT)(DC)(DC)(DG)(DG)(DT)(DG)(DC)(DC)(DG)(DA)
(DG)(DG)(DC)(DC)(DG)(DC)(DT)(DC)(DA)(DA)(DT)(DT)(DG)(DG)(DT)(DC)(DG)(DT)(DA)(DG)
(DA)(DC)(DA)(DG)(DC)(DT)(DC)(DT)(DA)(DG)(DC)(DA)(DC)(DC)(DG)(DC)(DT)(DT)(DA)(DA)
(DA)(DC)(DG)(DC)(DA)(DC)(DG)(DT)(DA)(DC)(DG)(DC)(DG)(DC)(DT)(DG)(DT)(DC)(DC)(DC)
(DC)(DC)(DG)(DC)(DG)(DT)(DT)(DT)(DT)(DA)(DA)(DC)(DC)(DG)(DC)(DC)(DA)(DA)(DG)(DG)
(DG)(DG)(DA)(DT)(DT)(DA)(DC)(DT)(DC)(DC)(DC)(DT)(DA)(DG)(DT)(DC)(DT)(DC)(DC)(DA)
(DG)(DG)(DC)(DA)(DC)(DG)(DT)(DG)(DT)(DC)(DA)(DG)(DA)(DT)(DA)(DT)(DA)(DT)(DA)(DC)
(DA)(DT)(DC)(DC)(DG)(DA)(DT)
;
I
4 'polydeoxyribonucleotide'
;(DA)(DT)(DC)(DG)(DG)(DA)(DT)(DG)(DT)(DA)(DT)(DA)(DT)(DA)(DT)(DC)(DT)(DG)(DA)(DC)
(DA)(DC)(DG)(DT)(DG)(DC)(DC)(DT)(DG)(DG)(DA)(DG)(DA)(DC)(DT)(DA)(DG)(DG)(DG)(DA)
(DG)(DT)(DA)(DA)(DT)(DC)(DC)(DC)(DC)(DT)(DT)(DG)(DG)(DC)(DG)(DG)(DT)(DT)(DA)(DA)
(DA)(DA)(DC)(DG)(DC)(DG)(DG)(DG)(DG)(DG)(DA)(DC)(DA)(DG)(DC)(DG)(DC)(DG)(DT)(DA)
(DC)(DG)(DT)(DG)(DC)(DG)(DT)(DT)(DT)(DA)(DA)(DG)(DC)(DG)(DG)(DT)(DG)(DC)(DT)(DA)
(DG)(DA)(DG)(DC)(DT)(DG)(DT)(DC)(DT)(DA)(DC)(DG)(DA)(DC)(DC)(DA)(DA)(DT)(DT)(DG)
(DA)(DG)(DC)(DG)(DG)(DC)(DC)(DT)(DC)(DG)(DG)(DC)(DA)(DC)(DC)(DG)(DG)(DA)(DT)(DT)
(DC)(DT)(DC)(DA)(DG)(DA)(DT)
;
J
#
# COMPACT_ATOMS: atom_id res chain seq x y z
N ASP A 46 -15.40 -17.86 3.29
CA ASP A 46 -14.96 -18.78 4.32
C ASP A 46 -13.49 -18.60 4.63
N HIS A 47 -12.70 -19.64 4.37
CA HIS A 47 -11.26 -19.68 4.61
C HIS A 47 -10.92 -19.03 5.95
N VAL A 48 -11.48 -19.59 7.02
CA VAL A 48 -11.29 -19.06 8.36
C VAL A 48 -10.42 -19.98 9.20
N SER A 49 -9.14 -19.62 9.35
CA SER A 49 -8.25 -20.38 10.22
C SER A 49 -8.81 -20.35 11.64
N VAL A 50 -9.00 -21.53 12.21
CA VAL A 50 -9.56 -21.66 13.56
C VAL A 50 -8.64 -22.56 14.37
N GLY A 51 -7.89 -21.94 15.29
CA GLY A 51 -6.97 -22.68 16.13
C GLY A 51 -7.66 -23.36 17.30
N GLU A 52 -6.87 -23.64 18.34
CA GLU A 52 -7.43 -24.31 19.52
C GLU A 52 -7.39 -23.40 20.74
N THR A 53 -7.16 -22.11 20.52
CA THR A 53 -7.23 -21.10 21.57
C THR A 53 -7.67 -19.75 21.02
N GLN A 54 -8.86 -19.29 21.39
CA GLN A 54 -9.43 -18.10 20.78
C GLN A 54 -10.07 -17.21 21.83
N ILE A 55 -9.69 -15.93 21.81
CA ILE A 55 -10.10 -14.96 22.83
C ILE A 55 -11.62 -14.92 22.91
N PRO A 56 -12.20 -14.85 24.11
CA PRO A 56 -13.66 -14.94 24.28
C PRO A 56 -14.48 -14.08 23.33
N LYS A 57 -15.70 -14.56 23.07
CA LYS A 57 -16.58 -13.92 22.10
C LYS A 57 -17.04 -12.55 22.60
N ALA A 58 -17.17 -12.40 23.92
CA ALA A 58 -17.54 -11.10 24.46
C ALA A 58 -16.53 -10.04 24.08
N SER A 59 -15.24 -10.39 24.15
CA SER A 59 -14.20 -9.50 23.64
C SER A 59 -14.41 -9.18 22.17
N THR A 60 -14.86 -10.16 21.39
CA THR A 60 -15.06 -9.91 19.97
C THR A 60 -16.14 -8.87 19.75
N GLN A 61 -17.30 -9.06 20.37
CA GLN A 61 -18.36 -8.08 20.19
C GLN A 61 -17.98 -6.75 20.83
N HIS A 62 -17.10 -6.79 21.85
CA HIS A 62 -16.55 -5.56 22.38
C HIS A 62 -15.77 -4.81 21.31
N LEU A 63 -14.88 -5.52 20.60
CA LEU A 63 -14.21 -4.94 19.45
C LEU A 63 -15.21 -4.42 18.44
N LEU A 64 -16.27 -5.19 18.18
CA LEU A 64 -17.25 -4.80 17.18
C LEU A 64 -17.87 -3.46 17.54
N ARG A 65 -18.40 -3.34 18.75
CA ARG A 65 -19.04 -2.10 19.15
C ARG A 65 -18.01 -0.98 19.27
N LYS A 66 -16.76 -1.33 19.60
CA LYS A 66 -15.69 -0.35 19.54
C LYS A 66 -15.57 0.25 18.16
N ALA A 67 -15.60 -0.59 17.14
CA ALA A 67 -15.60 -0.08 15.77
C ALA A 67 -16.92 0.61 15.45
N GLY A 68 -17.92 0.43 16.31
CA GLY A 68 -19.17 1.12 16.10
C GLY A 68 -20.25 0.20 15.56
N SER A 69 -19.99 -1.10 15.57
CA SER A 69 -21.02 -2.06 15.16
C SER A 69 -22.22 -1.90 16.07
N LEU A 70 -23.36 -1.54 15.49
CA LEU A 70 -24.56 -1.42 16.29
C LEU A 70 -25.06 -2.78 16.74
N SER A 71 -25.07 -3.76 15.83
CA SER A 71 -25.50 -5.10 16.17
C SER A 71 -24.87 -6.10 15.21
N ALA A 72 -24.66 -7.32 15.71
CA ALA A 72 -23.96 -8.34 14.94
C ALA A 72 -24.75 -9.63 14.98
N ALA A 73 -24.75 -10.34 13.86
CA ALA A 73 -25.37 -11.66 13.81
C ALA A 73 -24.61 -12.62 14.73
N GLY A 74 -25.32 -13.65 15.18
CA GLY A 74 -24.72 -14.60 16.11
C GLY A 74 -23.58 -15.39 15.52
N ASP A 75 -23.38 -15.32 14.21
CA ASP A 75 -22.27 -15.98 13.56
C ASP A 75 -21.11 -15.04 13.26
N THR A 76 -21.24 -13.77 13.60
CA THR A 76 -20.23 -12.78 13.23
C THR A 76 -18.91 -12.98 13.95
N GLU A 77 -18.88 -13.86 14.95
CA GLU A 77 -17.82 -13.79 15.94
C GLU A 77 -16.73 -14.81 15.63
N VAL A 78 -17.12 -15.99 15.17
CA VAL A 78 -16.15 -16.97 14.72
C VAL A 78 -15.24 -16.40 13.64
N PRO A 79 -15.75 -15.78 12.56
CA PRO A 79 -14.83 -15.27 11.54
C PRO A 79 -13.91 -14.19 12.06
N ILE A 80 -14.39 -13.28 12.91
CA ILE A 80 -13.51 -12.21 13.37
C ILE A 80 -12.42 -12.79 14.25
N ARG A 81 -12.76 -13.81 15.05
CA ARG A 81 -11.72 -14.54 15.75
C ARG A 81 -10.72 -15.12 14.77
N GLY A 82 -11.23 -15.71 13.69
CA GLY A 82 -10.34 -16.32 12.72
C GLY A 82 -9.37 -15.32 12.13
N PHE A 83 -9.87 -14.16 11.73
CA PHE A 83 -9.00 -13.24 11.00
C PHE A 83 -8.12 -12.43 11.94
N VAL A 84 -8.55 -12.23 13.19
CA VAL A 84 -7.59 -11.67 14.14
C VAL A 84 -6.48 -12.66 14.37
N HIS A 85 -6.82 -13.94 14.49
CA HIS A 85 -5.80 -14.98 14.53
C HIS A 85 -4.91 -14.90 13.31
N MET A 86 -5.50 -14.64 12.14
CA MET A 86 -4.74 -14.64 10.90
C MET A 86 -3.74 -13.51 10.88
N LYS A 87 -4.19 -12.30 11.19
CA LYS A 87 -3.28 -11.17 11.26
C LYS A 87 -2.19 -11.43 12.28
N LEU A 88 -2.57 -11.93 13.45
CA LEU A 88 -1.58 -12.29 14.45
C LEU A 88 -0.55 -13.24 13.87
N HIS A 89 -1.03 -14.26 13.17
CA HIS A 89 -0.14 -15.30 12.66
C HIS A 89 0.84 -14.72 11.67
N LYS A 90 0.35 -13.90 10.74
CA LYS A 90 1.25 -13.27 9.79
C LYS A 90 2.29 -12.44 10.52
N LEU A 91 1.86 -11.59 11.43
CA LEU A 91 2.79 -10.71 12.13
C LEU A 91 3.83 -11.51 12.88
N VAL A 92 3.39 -12.52 13.62
CA VAL A 92 4.33 -13.26 14.44
C VAL A 92 5.29 -14.03 13.57
N GLN A 93 4.82 -14.54 12.44
CA GLN A 93 5.74 -15.22 11.54
C GLN A 93 6.82 -14.26 11.07
N LYS A 94 6.42 -13.08 10.59
CA LYS A 94 7.42 -12.12 10.14
C LYS A 94 8.41 -11.79 11.24
N SER A 95 7.89 -11.41 12.40
CA SER A 95 8.77 -11.00 13.49
C SER A 95 9.69 -12.12 13.90
N LEU A 96 9.15 -13.33 13.99
CA LEU A 96 9.91 -14.43 14.53
C LEU A 96 10.99 -14.87 13.56
N LEU A 97 10.69 -14.85 12.26
CA LEU A 97 11.75 -15.11 11.31
C LEU A 97 12.78 -14.00 11.35
N ALA A 98 12.35 -12.78 11.65
CA ALA A 98 13.31 -11.69 11.81
C ALA A 98 14.29 -11.98 12.92
N MET A 99 13.77 -12.31 14.11
CA MET A 99 14.64 -12.57 15.25
C MET A 99 15.47 -13.83 15.00
N GLN A 100 14.92 -14.79 14.27
CA GLN A 100 15.69 -15.97 13.92
C GLN A 100 16.87 -15.60 13.05
N LEU A 101 16.68 -14.66 12.13
CA LEU A 101 17.81 -14.09 11.42
C LEU A 101 18.77 -13.41 12.39
N ALA A 102 18.23 -12.71 13.38
CA ALA A 102 19.06 -11.97 14.31
C ALA A 102 19.90 -12.88 15.20
N LYS A 103 19.84 -14.20 14.99
CA LYS A 103 20.47 -15.15 15.88
C LYS A 103 20.01 -14.87 17.31
N ARG A 104 18.73 -14.58 17.47
CA ARG A 104 18.17 -14.06 18.70
C ARG A 104 17.30 -15.16 19.30
N LYS A 105 16.99 -15.06 20.59
CA LYS A 105 16.14 -16.05 21.22
C LYS A 105 14.86 -15.47 21.80
N THR A 106 14.71 -14.15 21.81
CA THR A 106 13.49 -13.55 22.33
C THR A 106 13.06 -12.39 21.45
N ILE A 107 11.75 -12.22 21.30
CA ILE A 107 11.21 -11.08 20.58
C ILE A 107 11.28 -9.85 21.47
N MET A 108 11.73 -8.73 20.92
CA MET A 108 11.65 -7.44 21.57
C MET A 108 10.88 -6.46 20.69
N LYS A 109 10.75 -5.23 21.17
CA LYS A 109 9.92 -4.26 20.50
C LYS A 109 10.37 -4.03 19.06
N SER A 110 11.66 -3.76 18.87
CA SER A 110 12.17 -3.47 17.53
C SER A 110 11.84 -4.59 16.56
N ASP A 111 11.79 -5.82 17.06
CA ASP A 111 11.50 -6.96 16.21
C ASP A 111 10.16 -6.79 15.52
N VAL A 112 9.08 -6.76 16.31
CA VAL A 112 7.76 -6.62 15.72
C VAL A 112 7.63 -5.26 15.04
N LYS A 113 8.43 -4.28 15.45
CA LYS A 113 8.40 -2.99 14.78
C LYS A 113 8.76 -3.15 13.30
N LYS A 114 9.96 -3.68 13.03
CA LYS A 114 10.37 -3.83 11.64
C LYS A 114 9.48 -4.84 10.93
N ALA A 115 9.01 -5.87 11.64
CA ALA A 115 8.11 -6.82 11.02
C ALA A 115 6.83 -6.15 10.55
N ALA A 116 6.26 -5.29 11.38
CA ALA A 116 5.00 -4.64 11.03
C ALA A 116 5.18 -3.67 9.88
N GLU A 117 6.27 -2.91 9.89
CA GLU A 117 6.47 -1.99 8.78
C GLU A 117 6.89 -2.74 7.52
N LEU A 118 7.32 -4.00 7.67
CA LEU A 118 7.38 -4.89 6.52
C LEU A 118 5.99 -5.25 6.04
N MET A 119 5.08 -5.52 6.97
CA MET A 119 3.67 -5.66 6.64
C MET A 119 3.12 -4.37 6.02
N HIS A 120 3.94 -3.31 5.99
CA HIS A 120 3.62 -2.02 5.42
C HIS A 120 2.63 -1.26 6.29
N LEU A 121 2.79 -1.37 7.60
CA LEU A 121 1.96 -0.61 8.54
C LEU A 121 2.83 0.36 9.32
N PRO A 122 2.47 1.64 9.37
CA PRO A 122 3.25 2.62 10.16
C PRO A 122 2.94 2.48 11.63
N VAL A 123 3.94 2.11 12.43
CA VAL A 123 3.72 1.50 13.73
C VAL A 123 4.62 2.16 14.77
N PHE A 124 4.11 2.27 16.01
CA PHE A 124 4.90 2.68 17.16
C PHE A 124 4.07 2.58 18.43
N ALA A 125 4.75 2.31 19.56
CA ALA A 125 4.08 2.13 20.83
C ALA A 125 5.03 2.42 21.98
N ILE A 126 4.50 2.34 23.19
CA ILE A 126 5.16 2.92 24.36
C ILE A 126 6.18 1.93 24.91
N PRO A 127 7.41 2.36 25.17
CA PRO A 127 8.36 1.49 25.88
C PRO A 127 8.30 1.63 27.39
N THR A 128 7.75 2.74 27.89
CA THR A 128 7.84 3.00 29.32
C THR A 128 6.58 2.52 30.04
N LYS A 129 5.43 3.09 29.66
CA LYS A 129 4.17 2.73 30.30
C LYS A 129 3.02 2.85 29.31
N ASP A 130 2.70 1.74 28.66
CA ASP A 130 1.62 1.73 27.67
C ASP A 130 0.28 1.48 28.34
N SER A 131 -0.79 1.81 27.62
CA SER A 131 -2.14 1.55 28.10
C SER A 131 -2.36 0.05 28.21
N GLY A 132 -2.97 -0.37 29.32
CA GLY A 132 -3.16 -1.78 29.55
C GLY A 132 -4.59 -2.22 29.30
N ALA A 133 -5.18 -2.88 30.30
CA ALA A 133 -6.54 -3.39 30.15
C ALA A 133 -7.49 -2.76 31.14
N LYS A 134 -7.00 -2.50 32.36
CA LYS A 134 -7.89 -2.11 33.46
C LYS A 134 -7.46 -0.76 34.02
N GLY A 135 -8.31 0.25 33.85
CA GLY A 135 -8.14 1.24 32.79
C GLY A 135 -9.38 1.56 31.98
N SER A 136 -10.40 0.69 32.01
CA SER A 136 -11.51 0.78 31.07
C SER A 136 -12.78 1.30 31.71
N VAL A 137 -13.74 1.70 30.88
CA VAL A 137 -15.10 1.99 31.34
C VAL A 137 -15.78 0.65 31.64
N PHE A 138 -16.46 0.59 32.78
CA PHE A 138 -16.95 -0.68 33.31
C PHE A 138 -18.12 -1.20 32.49
N LEU A 139 -18.34 -2.51 32.54
CA LEU A 139 -19.43 -3.14 31.81
C LEU A 139 -20.79 -2.91 32.47
N SER A 140 -20.85 -2.96 33.79
CA SER A 140 -22.11 -2.77 34.50
C SER A 140 -22.51 -1.31 34.62
N CYS A 141 -21.59 -0.39 34.36
CA CYS A 141 -21.95 1.03 34.33
C CYS A 141 -22.51 1.42 32.98
N ARG A 142 -22.99 0.44 32.22
CA ARG A 142 -23.61 0.64 30.93
C ARG A 142 -25.03 1.21 31.06
N GLN A 143 -25.51 1.30 32.31
CA GLN A 143 -26.93 1.53 32.56
C GLN A 143 -27.32 2.99 32.45
N LYS A 144 -26.59 3.90 33.10
CA LYS A 144 -26.95 5.31 33.10
C LYS A 144 -28.36 5.45 33.67
N GLY A 145 -28.48 5.27 34.98
CA GLY A 145 -29.04 6.31 35.83
C GLY A 145 -28.77 7.75 35.39
N ALA A 146 -27.53 8.05 35.00
CA ALA A 146 -27.19 9.40 34.55
C ALA A 146 -27.20 9.47 33.02
N GLY A 147 -28.20 10.13 32.46
CA GLY A 147 -28.34 10.17 31.01
C GLY A 147 -28.72 8.82 30.43
N SER A 148 -29.95 8.40 30.66
CA SER A 148 -30.40 7.04 30.40
C SER A 148 -30.17 6.65 28.94
N ALA A 149 -29.62 5.45 28.75
CA ALA A 149 -29.41 4.93 27.41
C ALA A 149 -30.71 4.35 26.85
N GLY A 150 -30.64 3.82 25.64
CA GLY A 150 -31.81 3.24 25.01
C GLY A 150 -32.81 4.28 24.57
N THR A 151 -32.41 5.14 23.63
CA THR A 151 -33.25 6.22 23.16
C THR A 151 -33.35 6.29 21.64
N GLY A 152 -32.34 5.83 20.91
CA GLY A 152 -32.30 5.97 19.47
C GLY A 152 -31.12 6.83 19.03
N SER A 153 -30.78 6.73 17.75
CA SER A 153 -29.79 7.66 17.19
C SER A 153 -28.45 7.56 17.91
N GLU A 154 -27.63 6.56 17.58
CA GLU A 154 -27.91 5.14 17.75
C GLU A 154 -28.60 4.78 19.06
N THR A 155 -29.37 3.69 19.04
CA THR A 155 -30.23 3.33 20.16
C THR A 155 -29.46 3.20 21.47
N ASN A 156 -28.39 2.40 21.46
CA ASN A 156 -27.65 2.18 22.70
C ASN A 156 -27.06 3.47 23.22
N SER A 157 -26.28 4.17 22.38
CA SER A 157 -25.85 5.55 22.62
C SER A 157 -24.88 5.68 23.78
N GLN A 158 -24.70 4.61 24.56
CA GLN A 158 -23.82 4.69 25.72
C GLN A 158 -22.69 3.67 25.66
N GLU A 159 -23.00 2.40 25.38
CA GLU A 159 -21.97 1.38 25.39
C GLU A 159 -20.88 1.71 24.39
N VAL A 160 -21.27 2.05 23.17
CA VAL A 160 -20.31 2.33 22.11
C VAL A 160 -19.44 3.53 22.46
N ARG A 161 -20.06 4.63 22.88
CA ARG A 161 -19.28 5.80 23.26
C ARG A 161 -18.33 5.48 24.41
N SER A 162 -18.85 4.82 25.44
CA SER A 162 -18.04 4.54 26.62
C SER A 162 -16.84 3.68 26.25
N GLN A 163 -17.03 2.68 25.39
CA GLN A 163 -15.94 1.79 25.06
C GLN A 163 -14.96 2.44 24.08
N MET A 164 -15.47 3.26 23.15
CA MET A 164 -14.55 3.91 22.23
C MET A 164 -13.68 4.93 22.95
N LYS A 165 -14.23 5.61 23.96
CA LYS A 165 -13.45 6.59 24.71
C LYS A 165 -12.41 5.94 25.62
N SER A 166 -12.15 4.64 25.48
CA SER A 166 -11.20 3.95 26.34
C SER A 166 -9.85 3.83 25.64
N THR A 167 -8.82 4.41 26.26
CA THR A 167 -7.46 4.26 25.74
C THR A 167 -7.01 2.81 25.77
N CYS A 168 -7.50 2.06 26.75
CA CYS A 168 -6.87 0.78 27.09
C CYS A 168 -7.04 -0.24 26.00
N LEU A 169 -6.11 -1.20 25.96
CA LEU A 169 -6.30 -2.38 25.15
C LEU A 169 -7.48 -3.19 25.71
N ILE A 170 -8.26 -3.78 24.81
CA ILE A 170 -9.49 -4.46 25.19
C ILE A 170 -9.31 -5.95 25.40
N ILE A 171 -8.39 -6.59 24.67
CA ILE A 171 -8.17 -8.03 24.80
C ILE A 171 -7.35 -8.29 26.05
N PRO A 172 -7.76 -9.22 26.91
CA PRO A 172 -6.95 -9.55 28.08
C PRO A 172 -5.53 -9.92 27.67
N LYS A 173 -4.56 -9.40 28.42
CA LYS A 173 -3.17 -9.45 27.99
C LYS A 173 -2.66 -10.89 27.91
N GLU A 174 -2.99 -11.72 28.91
CA GLU A 174 -2.30 -13.00 29.01
C GLU A 174 -3.00 -14.08 28.20
N ARG A 175 -4.28 -13.91 27.92
CA ARG A 175 -4.90 -14.76 26.90
C ARG A 175 -4.20 -14.56 25.56
N PHE A 176 -3.95 -13.30 25.22
CA PHE A 176 -3.20 -12.99 24.02
C PHE A 176 -1.78 -13.53 24.12
N ARG A 177 -1.18 -13.45 25.31
CA ARG A 177 0.15 -14.00 25.51
C ARG A 177 0.13 -15.51 25.29
N THR A 178 -0.95 -16.16 25.69
CA THR A 178 -1.10 -17.59 25.48
C THR A 178 -1.19 -17.89 24.00
N MET A 179 -1.96 -17.10 23.24
CA MET A 179 -1.94 -17.25 21.80
C MET A 179 -0.55 -17.10 21.24
N ALA A 180 0.18 -16.08 21.67
CA ALA A 180 1.53 -15.87 21.15
C ALA A 180 2.40 -17.08 21.39
N LYS A 181 2.43 -17.56 22.63
CA LYS A 181 3.26 -18.71 22.94
C LYS A 181 2.79 -19.94 22.19
N GLU A 182 1.48 -20.14 22.09
CA GLU A 182 0.94 -21.32 21.43
C GLU A 182 1.30 -21.32 19.95
N ILE A 183 1.24 -20.16 19.30
CA ILE A 183 1.57 -20.12 17.88
C ILE A 183 3.07 -20.26 17.69
N SER A 184 3.87 -19.72 18.63
CA SER A 184 5.30 -19.94 18.58
C SER A 184 5.62 -21.41 18.86
N LYS A 185 4.67 -22.12 19.44
CA LYS A 185 4.80 -23.57 19.50
C LYS A 185 4.53 -24.15 18.11
N LYS A 186 3.33 -23.90 17.59
CA LYS A 186 2.83 -24.64 16.44
C LYS A 186 3.69 -24.39 15.21
N GLU A 187 4.34 -23.22 15.15
CA GLU A 187 5.30 -22.95 14.10
C GLU A 187 6.59 -22.31 14.59
N GLY A 188 6.53 -21.61 15.71
CA GLY A 188 7.53 -20.60 16.02
C GLY A 188 8.86 -21.00 16.62
N HIS A 189 9.03 -22.30 16.92
CA HIS A 189 10.27 -22.82 17.47
C HIS A 189 10.38 -22.45 18.94
N ASP A 190 9.27 -21.98 19.51
CA ASP A 190 9.10 -21.94 20.96
C ASP A 190 10.16 -21.05 21.64
N VAL A 191 10.12 -19.74 21.39
CA VAL A 191 11.07 -18.83 22.01
C VAL A 191 10.35 -17.86 22.95
N HIS A 192 11.14 -17.11 23.71
CA HIS A 192 10.57 -16.18 24.69
C HIS A 192 9.97 -14.96 24.03
N ILE A 193 9.12 -14.26 24.78
CA ILE A 193 8.39 -13.11 24.30
C ILE A 193 8.63 -11.96 25.28
N ALA A 194 8.76 -10.74 24.75
CA ALA A 194 8.77 -9.58 25.63
C ALA A 194 7.38 -8.96 25.69
N GLU A 195 6.93 -8.67 26.92
CA GLU A 195 5.58 -8.15 27.10
C GLU A 195 5.43 -6.80 26.41
N ALA A 196 6.51 -6.04 26.29
CA ALA A 196 6.44 -4.77 25.58
C ALA A 196 6.14 -5.00 24.10
N ALA A 197 6.92 -5.88 23.47
CA ALA A 197 6.63 -6.24 22.08
C ALA A 197 5.27 -6.90 21.96
N LEU A 198 4.94 -7.76 22.93
CA LEU A 198 3.64 -8.40 22.93
C LEU A 198 2.50 -7.38 22.94
N ASP A 199 2.66 -6.33 23.73
CA ASP A 199 1.57 -5.37 23.88
C ASP A 199 1.50 -4.42 22.69
N MET A 200 2.65 -4.06 22.14
CA MET A 200 2.59 -3.29 20.90
C MET A 200 1.96 -4.13 19.80
N LEU A 201 2.18 -5.45 19.86
CA LEU A 201 1.47 -6.35 18.96
C LEU A 201 -0.02 -6.30 19.21
N GLN A 202 -0.43 -6.35 20.47
CA GLN A 202 -1.81 -6.07 20.85
C GLN A 202 -2.36 -4.88 20.10
N VAL A 203 -1.70 -3.73 20.22
CA VAL A 203 -2.30 -2.52 19.65
C VAL A 203 -2.35 -2.63 18.14
N ILE A 204 -1.30 -3.18 17.53
CA ILE A 204 -1.29 -3.30 16.08
C ILE A 204 -2.46 -4.14 15.61
N VAL A 205 -2.62 -5.32 16.20
CA VAL A 205 -3.63 -6.25 15.71
C VAL A 205 -5.02 -5.71 15.99
N GLU A 206 -5.24 -5.15 17.19
CA GLU A 206 -6.57 -4.66 17.51
C GLU A 206 -6.95 -3.51 16.58
N SER A 207 -6.04 -2.56 16.37
CA SER A 207 -6.40 -1.45 15.49
C SER A 207 -6.62 -1.91 14.07
N CYS A 208 -5.80 -2.87 13.60
CA CYS A 208 -5.99 -3.37 12.24
C CYS A 208 -7.35 -4.03 12.09
N THR A 209 -7.74 -4.85 13.07
CA THR A 209 -9.04 -5.53 12.95
C THR A 209 -10.18 -4.54 13.11
N VAL A 210 -9.97 -3.46 13.87
CA VAL A 210 -10.98 -2.42 13.94
C VAL A 210 -11.15 -1.77 12.58
N ARG A 211 -10.04 -1.50 11.89
CA ARG A 211 -10.15 -0.96 10.54
C ARG A 211 -10.93 -1.91 9.66
N LEU A 212 -10.66 -3.22 9.81
CA LEU A 212 -11.42 -4.22 9.07
C LEU A 212 -12.90 -4.08 9.35
N LEU A 213 -13.27 -4.05 10.63
CA LEU A 213 -14.68 -3.96 10.99
C LEU A 213 -15.31 -2.67 10.49
N GLU A 214 -14.55 -1.59 10.48
CA GLU A 214 -15.06 -0.34 9.95
C GLU A 214 -15.41 -0.49 8.49
N LYS A 215 -14.50 -1.07 7.71
CA LYS A 215 -14.81 -1.35 6.32
C LYS A 215 -16.04 -2.23 6.21
N ALA A 216 -16.17 -3.20 7.11
CA ALA A 216 -17.34 -4.08 7.09
C ALA A 216 -18.62 -3.31 7.35
N LEU A 217 -18.58 -2.37 8.30
CA LEU A 217 -19.77 -1.55 8.57
C LEU A 217 -20.13 -0.72 7.35
N VAL A 218 -19.11 -0.18 6.68
CA VAL A 218 -19.36 0.53 5.43
C VAL A 218 -20.09 -0.38 4.47
N ILE A 219 -19.60 -1.62 4.36
CA ILE A 219 -20.23 -2.60 3.50
C ILE A 219 -21.68 -2.80 3.87
N THR A 220 -21.95 -2.99 5.15
CA THR A 220 -23.31 -3.25 5.61
C THR A 220 -24.22 -2.09 5.23
N TYR A 221 -23.79 -0.87 5.49
CA TYR A 221 -24.63 0.28 5.19
C TYR A 221 -24.86 0.40 3.70
N SER A 222 -23.83 0.13 2.90
CA SER A 222 -24.05 0.01 1.47
C SER A 222 -25.07 -1.06 1.15
N GLY A 223 -25.07 -2.14 1.91
CA GLY A 223 -26.13 -3.13 1.85
C GLY A 223 -27.41 -2.68 2.51
N LYS A 224 -27.42 -1.46 3.04
CA LYS A 224 -28.65 -0.79 3.44
C LYS A 224 -29.33 -1.47 4.63
N ARG A 225 -28.54 -2.18 5.44
CA ARG A 225 -29.09 -2.89 6.59
C ARG A 225 -28.25 -2.62 7.82
N THR A 226 -28.86 -2.80 8.99
CA THR A 226 -28.25 -2.39 10.24
C THR A 226 -27.25 -3.40 10.77
N ARG A 227 -27.70 -4.61 11.09
CA ARG A 227 -26.86 -5.57 11.77
C ARG A 227 -25.79 -6.09 10.81
N VAL A 228 -24.60 -6.34 11.35
CA VAL A 228 -23.50 -6.87 10.57
C VAL A 228 -23.57 -8.38 10.58
N THR A 229 -23.24 -9.00 9.46
CA THR A 229 -23.15 -10.45 9.36
C THR A 229 -21.70 -10.87 9.21
N SER A 230 -21.44 -12.15 9.50
CA SER A 230 -20.12 -12.71 9.22
C SER A 230 -19.76 -12.51 7.76
N LYS A 231 -20.65 -12.96 6.86
CA LYS A 231 -20.44 -12.81 5.43
C LYS A 231 -19.93 -11.42 5.09
N ASP A 232 -20.44 -10.41 5.79
CA ASP A 232 -19.94 -9.06 5.62
C ASP A 232 -18.45 -9.00 5.91
N ILE A 233 -18.02 -9.68 6.96
CA ILE A 233 -16.62 -9.63 7.34
C ILE A 233 -15.76 -10.32 6.30
N GLU A 234 -16.18 -11.50 5.82
CA GLU A 234 -15.38 -12.12 4.76
C GLU A 234 -15.34 -11.27 3.52
N THR A 235 -16.43 -10.59 3.18
CA THR A 235 -16.39 -9.68 2.04
C THR A 235 -15.38 -8.57 2.28
N ALA A 236 -15.37 -8.03 3.50
CA ALA A 236 -14.41 -6.98 3.83
C ALA A 236 -12.99 -7.47 3.61
N PHE A 237 -12.68 -8.67 4.10
CA PHE A 237 -11.34 -9.18 3.94
C PHE A 237 -11.03 -9.47 2.48
N MET A 238 -12.05 -9.92 1.74
CA MET A 238 -11.90 -10.16 0.31
C MET A 238 -11.47 -8.89 -0.40
N LEU A 239 -12.12 -7.77 -0.08
CA LEU A 239 -11.68 -6.51 -0.65
C LEU A 239 -10.30 -6.15 -0.15
N GLU A 240 -10.00 -6.50 1.10
CA GLU A 240 -8.75 -6.08 1.72
C GLU A 240 -7.55 -6.67 0.99
N HIS A 241 -7.52 -7.99 0.81
CA HIS A 241 -6.53 -8.58 -0.08
C HIS A 241 -7.18 -9.35 -1.21
N GLY A 242 -8.04 -10.31 -0.87
CA GLY A 242 -8.62 -11.18 -1.88
C GLY A 242 -7.64 -12.17 -2.47
N ARG B 37 20.32 3.23 -32.13
CA ARG B 37 21.71 3.64 -32.26
C ARG B 37 22.50 3.30 -31.01
N LYS B 38 22.16 3.96 -29.91
CA LYS B 38 22.86 3.73 -28.65
C LYS B 38 22.50 2.36 -28.08
N ARG B 39 23.46 1.76 -27.39
CA ARG B 39 23.26 0.44 -26.81
C ARG B 39 22.36 0.53 -25.58
N ASP B 40 21.83 -0.62 -25.16
CA ASP B 40 20.77 -0.68 -24.16
C ASP B 40 21.27 -0.28 -22.78
N LYS B 41 20.33 -0.01 -21.88
CA LYS B 41 20.66 0.49 -20.55
C LYS B 41 20.03 -0.34 -19.44
N SER B 42 18.83 -0.88 -19.66
CA SER B 42 18.07 -1.53 -18.60
C SER B 42 18.59 -2.93 -18.34
N VAL B 43 17.81 -3.71 -17.58
CA VAL B 43 18.30 -4.98 -17.06
C VAL B 43 18.05 -6.09 -18.08
N ASN B 44 19.13 -6.83 -18.40
CA ASN B 44 19.12 -7.84 -19.45
C ASN B 44 18.17 -9.00 -19.17
N PHE B 45 17.23 -9.24 -20.07
CA PHE B 45 16.22 -10.27 -19.86
C PHE B 45 16.01 -11.23 -21.03
N ARG B 46 16.21 -10.77 -22.27
CA ARG B 46 15.63 -11.46 -23.41
C ARG B 46 16.11 -12.90 -23.51
N LEU B 47 17.40 -13.09 -23.76
CA LEU B 47 17.96 -14.43 -23.87
C LEU B 47 17.64 -15.28 -22.66
N GLY B 48 17.93 -14.80 -21.46
CA GLY B 48 17.70 -15.59 -20.27
C GLY B 48 16.26 -16.05 -20.16
N LEU B 49 15.31 -15.18 -20.50
CA LEU B 49 13.92 -15.58 -20.49
C LEU B 49 13.64 -16.65 -21.53
N ARG B 50 14.03 -16.42 -22.78
CA ARG B 50 13.92 -17.48 -23.77
C ARG B 50 14.88 -18.62 -23.48
N ASN B 51 15.98 -18.35 -22.78
CA ASN B 51 16.78 -19.44 -22.26
C ASN B 51 15.96 -20.21 -21.25
N MET B 52 16.16 -21.52 -21.25
CA MET B 52 15.49 -22.45 -20.34
C MET B 52 14.00 -22.54 -20.68
N LEU B 53 13.55 -21.67 -21.58
CA LEU B 53 12.17 -21.72 -22.05
C LEU B 53 11.90 -23.01 -22.81
N ALA B 54 12.84 -23.43 -23.66
CA ALA B 54 12.61 -24.63 -24.46
C ALA B 54 12.44 -25.86 -23.57
N GLN B 55 13.25 -25.97 -22.53
CA GLN B 55 13.10 -27.10 -21.63
C GLN B 55 11.77 -27.02 -20.90
N ILE B 56 11.28 -25.81 -20.64
CA ILE B 56 9.94 -25.65 -20.09
C ILE B 56 8.90 -26.06 -21.11
N HIS B 57 9.04 -25.56 -22.33
CA HIS B 57 8.16 -25.94 -23.43
C HIS B 57 8.92 -25.75 -24.74
N PRO B 58 9.31 -26.85 -25.40
CA PRO B 58 10.13 -26.69 -26.62
C PRO B 58 9.32 -26.23 -27.82
N ASP B 59 8.14 -26.79 -28.03
CA ASP B 59 7.32 -26.43 -29.16
C ASP B 59 6.88 -24.97 -29.10
N ILE B 60 6.77 -24.42 -27.89
CA ILE B 60 6.12 -23.12 -27.72
C ILE B 60 7.18 -22.03 -27.79
N SER B 61 6.81 -20.91 -28.38
CA SER B 61 7.66 -19.73 -28.46
C SER B 61 7.01 -18.59 -27.69
N VAL B 62 7.58 -17.40 -27.84
CA VAL B 62 7.21 -16.25 -27.03
C VAL B 62 6.76 -15.14 -27.95
N GLN B 63 5.94 -14.23 -27.43
CA GLN B 63 5.77 -12.93 -28.07
C GLN B 63 6.75 -11.93 -27.45
N THR B 64 7.36 -11.12 -28.31
CA THR B 64 8.31 -10.11 -27.85
C THR B 64 7.67 -9.23 -26.79
N GLU B 65 6.43 -8.81 -27.03
CA GLU B 65 5.73 -8.01 -26.04
C GLU B 65 5.51 -8.80 -24.77
N ALA B 66 5.10 -10.06 -24.90
CA ALA B 66 4.99 -10.92 -23.73
C ALA B 66 6.35 -11.14 -23.09
N LEU B 67 7.42 -11.11 -23.89
CA LEU B 67 8.74 -11.28 -23.32
C LEU B 67 9.10 -10.10 -22.43
N SER B 68 8.83 -8.88 -22.90
CA SER B 68 9.03 -7.71 -22.05
C SER B 68 8.10 -7.74 -20.84
N GLU B 69 6.87 -8.21 -21.07
CA GLU B 69 5.93 -8.45 -19.97
C GLU B 69 6.62 -9.22 -18.85
N LEU B 70 7.06 -10.44 -19.15
CA LEU B 70 7.68 -11.30 -18.17
C LEU B 70 8.94 -10.67 -17.61
N SER B 71 9.68 -9.95 -18.46
CA SER B 71 10.88 -9.27 -17.99
C SER B 71 10.57 -8.33 -16.84
N ASN B 72 9.61 -7.43 -17.04
CA ASN B 72 9.40 -6.44 -16.00
C ASN B 72 8.74 -7.08 -14.79
N ILE B 73 7.95 -8.13 -15.00
CA ILE B 73 7.43 -8.88 -13.85
C ILE B 73 8.58 -9.43 -13.04
N ALA B 74 9.57 -9.99 -13.72
CA ALA B 74 10.73 -10.54 -13.03
C ALA B 74 11.46 -9.47 -12.25
N VAL B 75 11.71 -8.32 -12.88
CA VAL B 75 12.50 -7.31 -12.19
C VAL B 75 11.71 -6.68 -11.06
N PHE B 76 10.38 -6.58 -11.21
CA PHE B 76 9.55 -6.18 -10.09
C PHE B 76 9.66 -7.14 -8.92
N LEU B 77 9.59 -8.44 -9.20
CA LEU B 77 9.71 -9.40 -8.12
C LEU B 77 11.06 -9.25 -7.44
N GLY B 78 12.10 -9.05 -8.24
CA GLY B 78 13.42 -8.77 -7.68
C GLY B 78 13.42 -7.55 -6.80
N LYS B 79 12.82 -6.45 -7.28
CA LYS B 79 12.77 -5.23 -6.49
C LYS B 79 12.06 -5.46 -5.17
N LYS B 80 10.88 -6.07 -5.20
CA LYS B 80 10.11 -6.23 -3.98
C LYS B 80 10.84 -7.10 -2.97
N ILE B 81 11.33 -8.26 -3.41
CA ILE B 81 11.98 -9.17 -2.47
C ILE B 81 13.29 -8.57 -1.99
N SER B 82 14.01 -7.87 -2.86
CA SER B 82 15.25 -7.24 -2.44
C SER B 82 14.96 -6.17 -1.40
N HIS B 83 13.91 -5.38 -1.62
CA HIS B 83 13.54 -4.36 -0.66
C HIS B 83 13.18 -4.98 0.68
N GLY B 84 12.37 -6.04 0.64
CA GLY B 84 12.05 -6.74 1.88
C GLY B 84 13.31 -7.21 2.59
N ALA B 85 14.07 -8.09 1.96
CA ALA B 85 15.21 -8.69 2.63
C ALA B 85 16.19 -7.64 3.13
N VAL B 86 16.50 -6.66 2.29
CA VAL B 86 17.53 -5.69 2.62
C VAL B 86 16.95 -4.62 3.53
N THR B 87 16.01 -3.83 3.00
CA THR B 87 15.59 -2.62 3.70
C THR B 87 14.96 -2.95 5.04
N LEU B 88 14.34 -4.12 5.15
CA LEU B 88 13.49 -4.41 6.30
C LEU B 88 14.21 -5.19 7.39
N LEU B 89 14.81 -6.31 7.01
CA LEU B 89 15.09 -7.34 8.01
C LEU B 89 16.33 -7.08 8.84
N PRO B 90 17.53 -6.91 8.28
CA PRO B 90 18.72 -6.86 9.14
C PRO B 90 18.74 -5.59 9.98
N GLU B 91 18.80 -5.77 11.29
CA GLU B 91 18.98 -4.63 12.16
C GLU B 91 20.33 -3.99 11.88
N GLY B 92 20.38 -2.66 12.01
CA GLY B 92 21.62 -1.95 11.77
C GLY B 92 22.07 -2.06 10.32
N THR B 93 23.36 -1.83 10.11
CA THR B 93 23.97 -1.89 8.78
C THR B 93 24.46 -3.28 8.42
N LYS B 94 23.90 -4.32 9.05
CA LYS B 94 24.43 -5.66 8.89
C LYS B 94 24.33 -6.13 7.44
N THR B 95 25.30 -6.94 7.04
CA THR B 95 25.34 -7.53 5.71
C THR B 95 23.99 -8.14 5.33
N ILE B 96 23.63 -8.03 4.05
CA ILE B 96 22.53 -8.81 3.53
C ILE B 96 22.97 -10.24 3.28
N LYS B 97 22.26 -11.19 3.89
CA LYS B 97 22.63 -12.60 3.94
C LYS B 97 21.78 -13.42 2.98
N SER B 98 22.35 -14.52 2.50
CA SER B 98 21.57 -15.47 1.73
C SER B 98 20.34 -15.91 2.50
N SER B 99 20.50 -16.22 3.77
CA SER B 99 19.35 -16.59 4.60
C SER B 99 18.34 -15.46 4.66
N ALA B 100 18.82 -14.22 4.63
CA ALA B 100 17.90 -13.08 4.62
C ALA B 100 16.96 -13.17 3.44
N VAL B 101 17.52 -13.30 2.24
CA VAL B 101 16.71 -13.44 1.04
C VAL B 101 15.84 -14.68 1.13
N LEU B 102 16.39 -15.74 1.72
CA LEU B 102 15.63 -16.97 1.88
C LEU B 102 14.33 -16.70 2.62
N LEU B 103 14.44 -16.06 3.79
CA LEU B 103 13.25 -15.73 4.56
C LEU B 103 12.36 -14.77 3.80
N ALA B 104 12.96 -13.81 3.09
CA ALA B 104 12.19 -12.84 2.35
C ALA B 104 11.30 -13.52 1.34
N ALA B 105 11.87 -14.43 0.56
CA ALA B 105 11.08 -15.20 -0.38
C ALA B 105 10.03 -16.01 0.34
N GLY B 106 10.42 -16.65 1.45
CA GLY B 106 9.48 -17.52 2.15
C GLY B 106 8.21 -16.78 2.55
N ASP B 107 8.37 -15.59 3.11
CA ASP B 107 7.19 -14.81 3.45
C ASP B 107 6.49 -14.31 2.19
N LEU B 108 7.25 -13.72 1.27
CA LEU B 108 6.64 -13.10 0.11
C LEU B 108 5.91 -14.14 -0.73
N TYR B 109 6.52 -15.29 -0.91
CA TYR B 109 5.84 -16.37 -1.59
C TYR B 109 4.80 -16.98 -0.66
N GLY B 110 3.86 -17.71 -1.24
CA GLY B 110 2.77 -18.31 -0.48
C GLY B 110 3.24 -19.32 0.53
N LYS B 111 2.32 -19.85 1.34
CA LYS B 111 2.70 -20.82 2.35
C LYS B 111 3.35 -22.04 1.73
N ASP B 112 2.58 -22.82 0.97
CA ASP B 112 3.12 -23.99 0.31
C ASP B 112 4.15 -23.63 -0.75
N LEU B 113 3.83 -22.64 -1.58
CA LEU B 113 4.75 -22.27 -2.64
C LEU B 113 6.05 -21.75 -2.05
N GLY B 114 5.96 -20.95 -1.00
CA GLY B 114 7.17 -20.49 -0.34
C GLY B 114 7.98 -21.63 0.24
N ARG B 115 7.30 -22.58 0.89
CA ARG B 115 8.02 -23.71 1.46
C ARG B 115 8.75 -24.51 0.40
N HIS B 116 8.08 -24.79 -0.71
CA HIS B 116 8.75 -25.52 -1.79
C HIS B 116 9.86 -24.67 -2.38
N ALA B 117 9.62 -23.38 -2.53
CA ALA B 117 10.59 -22.50 -3.15
C ALA B 117 11.86 -22.41 -2.34
N VAL B 118 11.74 -22.33 -1.01
CA VAL B 118 12.93 -22.16 -0.19
C VAL B 118 13.78 -23.43 -0.21
N GLY B 119 13.14 -24.60 -0.24
CA GLY B 119 13.91 -25.81 -0.44
C GLY B 119 14.66 -25.77 -1.75
N GLU B 120 13.99 -25.32 -2.80
CA GLU B 120 14.67 -25.13 -4.07
C GLU B 120 15.77 -24.09 -3.93
N MET B 121 15.60 -23.13 -3.04
CA MET B 121 16.60 -22.10 -2.86
C MET B 121 17.87 -22.72 -2.34
N THR B 122 17.74 -23.53 -1.30
CA THR B 122 18.87 -24.24 -0.74
C THR B 122 19.49 -25.17 -1.78
N LYS B 123 18.64 -25.77 -2.63
CA LYS B 123 19.17 -26.57 -3.73
C LYS B 123 20.07 -25.72 -4.61
N ALA B 124 19.63 -24.52 -4.93
CA ALA B 124 20.45 -23.62 -5.73
C ALA B 124 21.71 -23.22 -4.98
N VAL B 125 21.60 -23.09 -3.66
CA VAL B 125 22.79 -22.79 -2.85
C VAL B 125 23.81 -23.90 -3.03
N THR B 126 23.37 -25.15 -2.96
CA THR B 126 24.27 -26.27 -3.16
C THR B 126 24.84 -26.25 -4.58
N ARG B 127 23.98 -25.95 -5.55
CA ARG B 127 24.43 -25.91 -6.94
C ARG B 127 25.52 -24.87 -7.13
N TYR B 128 25.35 -23.70 -6.51
CA TYR B 128 26.35 -22.66 -6.69
C TYR B 128 27.58 -22.93 -5.84
N GLY B 129 27.42 -23.69 -4.75
CA GLY B 129 28.61 -24.19 -4.07
C GLY B 129 29.43 -25.06 -4.99
N SER B 130 28.77 -25.96 -5.71
CA SER B 130 29.46 -26.76 -6.71
C SER B 130 30.06 -25.87 -7.80
N ALA B 131 29.36 -24.79 -8.16
CA ALA B 131 29.89 -23.85 -9.13
C ALA B 131 31.19 -23.22 -8.63
N LYS B 132 31.17 -22.69 -7.42
CA LYS B 132 32.31 -21.93 -6.92
C LYS B 132 33.51 -22.83 -6.68
N GLU B 133 33.28 -24.07 -6.20
CA GLU B 133 34.42 -24.98 -6.10
C GLU B 133 34.94 -25.32 -7.49
N SER B 134 34.06 -25.36 -8.48
CA SER B 134 34.50 -25.55 -9.86
C SER B 134 35.27 -24.33 -10.35
N LYS B 135 36.39 -24.58 -11.03
CA LYS B 135 37.11 -23.51 -11.69
C LYS B 135 36.30 -22.86 -12.80
N GLU B 136 35.55 -23.65 -13.56
CA GLU B 136 34.65 -23.14 -14.58
C GLU B 136 33.74 -22.08 -13.99
N GLY B 137 33.09 -22.38 -12.86
CA GLY B 137 32.31 -21.41 -12.12
C GLY B 137 31.19 -20.77 -12.94
N SER B 138 31.06 -19.45 -12.80
CA SER B 138 29.97 -18.73 -13.45
C SER B 138 30.32 -18.25 -14.84
N ARG B 139 31.51 -18.57 -15.36
CA ARG B 139 31.87 -18.19 -16.72
C ARG B 139 30.84 -18.69 -17.73
N SER B 140 30.38 -19.93 -17.57
CA SER B 140 29.19 -20.39 -18.26
C SER B 140 27.98 -20.42 -17.34
N SER B 141 28.09 -19.80 -16.16
CA SER B 141 26.99 -19.66 -15.21
C SER B 141 26.50 -21.01 -14.70
N LYS B 142 27.25 -22.07 -14.99
CA LYS B 142 27.18 -23.35 -14.30
C LYS B 142 25.74 -23.66 -13.93
N ALA B 143 24.89 -23.86 -14.94
CA ALA B 143 23.54 -24.33 -14.70
C ALA B 143 22.69 -23.30 -13.96
N LYS B 144 23.20 -22.08 -13.78
CA LYS B 144 22.30 -21.05 -13.31
C LYS B 144 21.32 -20.74 -14.42
N LEU B 145 20.15 -21.36 -14.31
CA LEU B 145 19.30 -21.58 -15.48
C LEU B 145 18.90 -20.28 -16.14
N GLN B 146 18.54 -19.28 -15.36
CA GLN B 146 18.24 -17.99 -15.92
C GLN B 146 19.46 -17.07 -15.86
N ILE B 147 19.41 -16.00 -16.65
CA ILE B 147 20.41 -14.94 -16.56
C ILE B 147 20.35 -14.27 -15.20
N SER B 148 19.35 -14.64 -14.40
CA SER B 148 19.21 -14.12 -13.04
C SER B 148 20.54 -14.12 -12.29
N VAL B 149 21.44 -15.04 -12.62
CA VAL B 149 22.78 -15.01 -12.02
C VAL B 149 23.44 -13.68 -12.29
N ALA B 150 23.07 -13.01 -13.38
CA ALA B 150 23.67 -11.73 -13.71
C ALA B 150 22.83 -10.56 -13.21
N ARG B 151 21.51 -10.70 -13.25
CA ARG B 151 20.65 -9.59 -12.84
C ARG B 151 20.56 -9.46 -11.33
N SER B 152 20.91 -10.53 -10.61
CA SER B 152 20.72 -10.56 -9.17
C SER B 152 21.56 -9.50 -8.47
N GLU B 153 22.86 -9.45 -8.79
CA GLU B 153 23.73 -8.46 -8.18
C GLU B 153 23.19 -7.05 -8.41
N ARG B 154 22.68 -6.79 -9.61
CA ARG B 154 22.04 -5.51 -9.85
C ARG B 154 20.88 -5.29 -8.89
N LEU B 155 19.84 -6.11 -9.00
CA LEU B 155 18.62 -5.85 -8.23
C LEU B 155 18.88 -5.75 -6.74
N LEU B 156 19.91 -6.41 -6.23
CA LEU B 156 20.23 -6.20 -4.82
C LEU B 156 21.02 -4.91 -4.63
N ARG B 157 22.23 -4.88 -5.16
CA ARG B 157 23.19 -3.87 -4.73
C ARG B 157 22.75 -2.47 -5.15
N GLU B 158 22.23 -2.31 -6.36
CA GLU B 158 21.80 -0.97 -6.75
C GLU B 158 20.37 -0.67 -6.32
N HIS B 159 19.71 -1.62 -5.67
CA HIS B 159 18.53 -1.24 -4.88
C HIS B 159 18.93 -0.33 -3.73
N GLY B 160 20.21 -0.37 -3.35
CA GLY B 160 20.78 0.59 -2.44
C GLY B 160 20.13 0.67 -1.08
N GLY B 161 19.53 -0.43 -0.63
CA GLY B 161 19.06 -0.42 0.75
C GLY B 161 20.22 -0.35 1.72
N CYS B 162 21.30 -1.04 1.37
CA CYS B 162 22.61 -0.85 1.95
C CYS B 162 23.64 -1.05 0.86
N SER B 163 24.89 -1.12 1.26
CA SER B 163 25.96 -1.52 0.38
C SER B 163 26.46 -2.93 0.65
N ARG B 164 26.05 -3.56 1.75
CA ARG B 164 26.80 -4.71 2.26
C ARG B 164 26.02 -5.98 1.92
N VAL B 165 26.49 -6.72 0.91
CA VAL B 165 25.72 -7.78 0.28
C VAL B 165 26.59 -9.03 0.08
N SER B 166 26.11 -10.17 0.57
CA SER B 166 26.77 -11.44 0.31
C SER B 166 26.35 -11.98 -1.06
N GLU B 167 27.30 -12.56 -1.78
CA GLU B 167 27.01 -13.16 -3.07
C GLU B 167 26.00 -14.30 -2.93
N GLY B 168 26.05 -15.03 -1.82
CA GLY B 168 25.09 -16.08 -1.61
C GLY B 168 23.66 -15.56 -1.66
N ALA B 169 23.45 -14.37 -1.11
CA ALA B 169 22.15 -13.74 -1.23
C ALA B 169 21.77 -13.54 -2.69
N ALA B 170 22.74 -13.16 -3.52
CA ALA B 170 22.45 -12.98 -4.93
C ALA B 170 22.01 -14.29 -5.56
N VAL B 171 22.70 -15.39 -5.22
CA VAL B 171 22.27 -16.68 -5.76
C VAL B 171 20.87 -17.01 -5.28
N ALA B 172 20.57 -16.66 -4.03
CA ALA B 172 19.23 -16.91 -3.51
C ALA B 172 18.18 -16.18 -4.32
N LEU B 173 18.44 -14.91 -4.61
CA LEU B 173 17.52 -14.17 -5.49
C LEU B 173 17.40 -14.85 -6.83
N ALA B 174 18.53 -15.21 -7.43
CA ALA B 174 18.49 -15.84 -8.74
C ALA B 174 17.54 -17.03 -8.71
N ALA B 175 17.69 -17.86 -7.69
CA ALA B 175 16.83 -19.03 -7.57
C ALA B 175 15.37 -18.63 -7.39
N ALA B 176 15.10 -17.64 -6.53
CA ALA B 176 13.71 -17.30 -6.23
C ALA B 176 13.00 -16.80 -7.46
N ILE B 177 13.59 -15.81 -8.11
CA ILE B 177 13.00 -15.27 -9.32
C ILE B 177 12.90 -16.35 -10.37
N GLU B 178 13.89 -17.26 -10.41
CA GLU B 178 13.90 -18.24 -11.48
C GLU B 178 12.80 -19.27 -11.30
N TYR B 179 12.59 -19.72 -10.07
CA TYR B 179 11.46 -20.60 -9.81
C TYR B 179 10.14 -19.91 -10.10
N PHE B 180 10.00 -18.66 -9.67
CA PHE B 180 8.73 -17.98 -9.91
C PHE B 180 8.47 -17.88 -11.40
N MET B 181 9.48 -17.45 -12.16
CA MET B 181 9.33 -17.33 -13.60
C MET B 181 9.08 -18.68 -14.24
N GLY B 182 9.77 -19.72 -13.78
CA GLY B 182 9.55 -21.03 -14.35
C GLY B 182 8.12 -21.49 -14.17
N GLU B 183 7.58 -21.33 -12.97
CA GLU B 183 6.21 -21.78 -12.73
C GLU B 183 5.22 -20.98 -13.58
N VAL B 184 5.33 -19.65 -13.53
CA VAL B 184 4.36 -18.85 -14.28
C VAL B 184 4.49 -19.11 -15.76
N LEU B 185 5.71 -19.23 -16.26
CA LEU B 185 5.94 -19.42 -17.68
C LEU B 185 5.43 -20.78 -18.13
N GLU B 186 5.61 -21.81 -17.30
CA GLU B 186 5.07 -23.12 -17.65
C GLU B 186 3.56 -23.07 -17.71
N LEU B 187 2.92 -22.40 -16.75
CA LEU B 187 1.48 -22.28 -16.81
C LEU B 187 1.06 -21.53 -18.06
N ALA B 188 1.79 -20.48 -18.42
CA ALA B 188 1.47 -19.73 -19.61
C ALA B 188 1.60 -20.58 -20.86
N GLY B 189 2.69 -21.34 -20.97
CA GLY B 189 2.87 -22.19 -22.13
C GLY B 189 1.78 -23.25 -22.24
N ASN B 190 1.36 -23.78 -21.10
CA ASN B 190 0.23 -24.71 -21.10
C ASN B 190 -1.02 -24.03 -21.60
N ALA B 191 -1.24 -22.77 -21.19
CA ALA B 191 -2.38 -22.03 -21.70
C ALA B 191 -2.28 -21.83 -23.21
N ALA B 192 -1.07 -21.51 -23.69
CA ALA B 192 -0.88 -21.30 -25.13
C ALA B 192 -1.19 -22.56 -25.90
N ARG B 193 -0.73 -23.72 -25.40
CA ARG B 193 -1.10 -24.98 -26.02
C ARG B 193 -2.61 -25.18 -25.96
N ASP B 194 -3.23 -24.77 -24.86
CA ASP B 194 -4.68 -24.80 -24.77
C ASP B 194 -5.32 -23.88 -25.79
N SER B 195 -4.67 -22.75 -26.07
CA SER B 195 -5.08 -21.89 -27.17
C SER B 195 -4.40 -22.27 -28.48
N LYS B 196 -3.56 -23.30 -28.46
CA LYS B 196 -2.94 -23.85 -29.67
C LYS B 196 -2.10 -22.80 -30.38
N LYS B 197 -1.44 -21.96 -29.59
CA LYS B 197 -0.66 -20.86 -30.13
C LYS B 197 0.82 -21.19 -30.02
N VAL B 198 1.53 -21.03 -31.14
CA VAL B 198 2.94 -21.38 -31.17
C VAL B 198 3.74 -20.48 -30.24
N ARG B 199 3.50 -19.18 -30.31
CA ARG B 199 4.20 -18.22 -29.47
C ARG B 199 3.24 -17.68 -28.42
N ILE B 200 3.75 -17.48 -27.21
CA ILE B 200 2.89 -17.10 -26.10
C ILE B 200 2.28 -15.73 -26.37
N SER B 201 1.11 -15.49 -25.79
CA SER B 201 0.50 -14.17 -25.83
C SER B 201 0.30 -13.66 -24.41
N VAL B 202 0.18 -12.34 -24.28
CA VAL B 202 0.09 -11.72 -22.97
C VAL B 202 -1.16 -12.20 -22.24
N LYS B 203 -2.26 -12.38 -22.96
CA LYS B 203 -3.46 -12.91 -22.34
C LYS B 203 -3.22 -14.24 -21.67
N HIS B 204 -2.31 -15.06 -22.23
CA HIS B 204 -2.00 -16.30 -21.56
C HIS B 204 -1.38 -16.04 -20.18
N ILE B 205 -0.46 -15.08 -20.10
CA ILE B 205 0.12 -14.74 -18.81
C ILE B 205 -0.96 -14.24 -17.86
N THR B 206 -1.86 -13.41 -18.38
CA THR B 206 -2.95 -12.90 -17.55
C THR B 206 -3.74 -14.05 -16.95
N LEU B 207 -4.15 -14.98 -17.81
CA LEU B 207 -4.97 -16.09 -17.37
C LEU B 207 -4.20 -16.96 -16.38
N ALA B 208 -2.92 -17.17 -16.63
CA ALA B 208 -2.11 -17.96 -15.71
C ALA B 208 -2.08 -17.33 -14.33
N ILE B 209 -1.79 -16.02 -14.27
CA ILE B 209 -1.67 -15.36 -12.98
C ILE B 209 -3.01 -15.36 -12.25
N GLN B 210 -4.09 -15.00 -12.95
CA GLN B 210 -5.39 -14.99 -12.28
C GLN B 210 -5.80 -16.40 -11.88
N ASN B 211 -5.27 -17.40 -12.57
CA ASN B 211 -5.64 -18.79 -12.27
C ASN B 211 -5.05 -19.23 -10.94
N ASP B 212 -3.76 -19.01 -10.74
CA ASP B 212 -3.07 -19.44 -9.53
C ASP B 212 -3.14 -18.33 -8.49
N ALA B 213 -3.79 -18.62 -7.36
CA ALA B 213 -3.87 -17.65 -6.28
C ALA B 213 -2.49 -17.31 -5.76
N ALA B 214 -1.62 -18.32 -5.65
CA ALA B 214 -0.29 -18.09 -5.08
C ALA B 214 0.46 -17.02 -5.87
N LEU B 215 0.58 -17.20 -7.18
CA LEU B 215 1.32 -16.25 -7.98
C LEU B 215 0.65 -14.89 -7.96
N PHE B 216 -0.68 -14.88 -8.13
CA PHE B 216 -1.44 -13.64 -8.16
C PHE B 216 -1.19 -12.80 -6.92
N ALA B 217 -1.33 -13.41 -5.74
CA ALA B 217 -1.17 -12.66 -4.50
C ALA B 217 0.21 -12.02 -4.43
N VAL B 218 1.19 -12.62 -5.09
CA VAL B 218 2.51 -12.03 -5.13
C VAL B 218 2.53 -10.85 -6.07
N VAL B 219 2.06 -11.06 -7.31
CA VAL B 219 2.32 -10.11 -8.37
C VAL B 219 1.05 -9.55 -8.99
N GLY B 220 -0.11 -10.14 -8.72
CA GLY B 220 -1.33 -9.60 -9.30
C GLY B 220 -1.66 -8.20 -8.84
N LYS B 221 -1.04 -7.75 -7.74
CA LYS B 221 -1.22 -6.38 -7.29
C LYS B 221 -0.82 -5.38 -8.37
N GLY B 222 0.13 -5.76 -9.22
CA GLY B 222 0.65 -4.85 -10.23
C GLY B 222 -0.32 -4.62 -11.37
N VAL B 223 0.11 -3.78 -12.31
CA VAL B 223 -0.70 -3.43 -13.47
C VAL B 223 0.06 -3.84 -14.72
N PHE B 224 -0.67 -4.02 -15.80
CA PHE B 224 -0.16 -4.55 -17.05
C PHE B 224 -1.18 -4.33 -18.15
N SER B 225 -0.93 -4.94 -19.30
CA SER B 225 -1.75 -4.70 -20.47
C SER B 225 -3.22 -4.99 -20.20
N GLY B 226 -4.08 -4.34 -20.96
CA GLY B 226 -5.50 -4.62 -20.88
C GLY B 226 -6.11 -4.23 -19.55
N ALA B 227 -7.28 -4.81 -19.27
CA ALA B 227 -8.04 -4.44 -18.07
C ALA B 227 -7.28 -4.80 -16.80
N GLY B 228 -6.60 -5.94 -16.80
CA GLY B 228 -5.93 -6.39 -15.58
C GLY B 228 -6.88 -6.79 -14.47
N VAL B 229 -7.96 -7.48 -14.80
CA VAL B 229 -8.97 -7.80 -13.80
C VAL B 229 -8.48 -8.91 -12.87
N SER B 230 -9.23 -9.11 -11.78
CA SER B 230 -9.07 -10.30 -10.96
C SER B 230 -10.15 -11.33 -11.22
N LEU B 231 -11.20 -10.96 -11.96
CA LEU B 231 -12.28 -11.88 -12.32
C LEU B 231 -12.92 -12.50 -11.08
N ILE B 232 -13.57 -11.68 -10.27
CA ILE B 232 -14.21 -12.14 -9.04
C ILE B 232 -15.24 -13.21 -9.39
N SER B 233 -15.30 -14.24 -8.56
CA SER B 233 -16.08 -15.44 -8.84
C SER B 233 -17.43 -15.40 -8.14
N VAL B 234 -18.23 -16.43 -8.42
CA VAL B 234 -19.56 -16.64 -7.84
C VAL B 234 -20.39 -15.37 -8.03
N PRO B 235 -20.85 -15.08 -9.26
CA PRO B 235 -21.74 -13.92 -9.45
C PRO B 235 -23.15 -14.17 -8.93
N ILE B 236 -23.28 -14.46 -7.64
CA ILE B 236 -24.56 -14.81 -7.03
C ILE B 236 -24.91 -13.76 -5.99
N PRO B 237 -26.19 -13.34 -5.88
CA PRO B 237 -26.55 -12.38 -4.83
C PRO B 237 -26.22 -12.89 -3.44
N ARG B 238 -25.44 -12.11 -2.68
CA ARG B 238 -24.96 -12.55 -1.38
C ARG B 238 -26.05 -12.48 -0.32
N ASP C 46 -20.18 11.53 -2.83
CA ASP C 46 -20.08 12.59 -3.83
C ASP C 46 -18.61 12.88 -4.15
N HIS C 47 -18.19 14.11 -3.84
CA HIS C 47 -16.84 14.60 -4.09
C HIS C 47 -16.32 14.13 -5.44
N VAL C 48 -17.03 14.52 -6.49
CA VAL C 48 -16.71 14.11 -7.85
C VAL C 48 -16.16 15.29 -8.65
N SER C 49 -14.84 15.36 -8.81
CA SER C 49 -14.24 16.38 -9.66
C SER C 49 -14.77 16.23 -11.08
N VAL C 50 -15.33 17.31 -11.61
CA VAL C 50 -15.91 17.30 -12.95
C VAL C 50 -15.31 18.47 -13.73
N GLY C 51 -14.43 18.14 -14.67
CA GLY C 51 -13.79 19.15 -15.50
C GLY C 51 -14.67 19.62 -16.64
N GLU C 52 -14.01 20.17 -17.67
CA GLU C 52 -14.75 20.66 -18.82
C GLU C 52 -14.44 19.85 -20.07
N THR C 53 -13.82 18.69 -19.90
CA THR C 53 -13.59 17.75 -20.98
C THR C 53 -13.58 16.32 -20.47
N GLN C 54 -14.56 15.52 -20.86
CA GLN C 54 -14.73 14.20 -20.30
C GLN C 54 -15.07 13.17 -21.38
N ILE C 55 -14.31 12.08 -21.39
CA ILE C 55 -14.42 11.07 -22.45
C ILE C 55 -15.84 10.55 -22.53
N PRO C 56 -16.39 10.35 -23.73
CA PRO C 56 -17.79 9.98 -23.90
C PRO C 56 -18.30 8.88 -22.98
N LYS C 57 -19.60 8.96 -22.72
CA LYS C 57 -20.24 8.04 -21.77
C LYS C 57 -20.24 6.61 -22.31
N ALA C 58 -20.33 6.46 -23.64
CA ALA C 58 -20.29 5.13 -24.22
C ALA C 58 -19.00 4.43 -23.87
N SER C 59 -17.88 5.16 -23.93
CA SER C 59 -16.62 4.62 -23.45
C SER C 59 -16.70 4.21 -21.99
N THR C 60 -17.42 4.97 -21.18
CA THR C 60 -17.53 4.63 -19.76
C THR C 60 -18.23 3.30 -19.59
N GLN C 61 -19.40 3.13 -20.21
CA GLN C 61 -20.10 1.86 -20.06
C GLN C 61 -19.32 0.74 -20.74
N HIS C 62 -18.51 1.09 -21.75
CA HIS C 62 -17.60 0.11 -22.32
C HIS C 62 -16.62 -0.39 -21.28
N LEU C 63 -16.00 0.53 -20.55
CA LEU C 63 -15.17 0.17 -19.40
C LEU C 63 -15.95 -0.68 -18.41
N LEU C 64 -17.18 -0.29 -18.13
CA LEU C 64 -18.00 -1.00 -17.16
C LEU C 64 -18.17 -2.45 -17.55
N ARG C 65 -18.64 -2.69 -18.77
CA ARG C 65 -18.85 -4.05 -19.22
C ARG C 65 -17.54 -4.79 -19.37
N LYS C 66 -16.46 -4.07 -19.69
CA LYS C 66 -15.14 -4.67 -19.66
C LYS C 66 -14.83 -5.24 -18.29
N ALA C 67 -15.11 -4.48 -17.24
CA ALA C 67 -14.94 -5.01 -15.90
C ALA C 67 -15.98 -6.08 -15.60
N GLY C 68 -16.99 -6.20 -16.45
CA GLY C 68 -17.97 -7.24 -16.27
C GLY C 68 -19.27 -6.74 -15.70
N SER C 69 -19.44 -5.42 -15.66
CA SER C 69 -20.69 -4.84 -15.23
C SER C 69 -21.79 -5.33 -16.15
N LEU C 70 -22.77 -6.04 -15.58
CA LEU C 70 -23.88 -6.51 -16.39
C LEU C 70 -24.78 -5.36 -16.80
N SER C 71 -25.09 -4.47 -15.86
CA SER C 71 -25.92 -3.31 -16.16
C SER C 71 -25.61 -2.20 -15.16
N ALA C 72 -25.81 -0.96 -15.61
CA ALA C 72 -25.45 0.20 -14.82
C ALA C 72 -26.60 1.18 -14.81
N ALA C 73 -26.82 1.82 -13.67
CA ALA C 73 -27.81 2.88 -13.58
C ALA C 73 -27.40 4.05 -14.46
N GLY C 74 -28.40 4.84 -14.88
CA GLY C 74 -28.13 5.94 -15.78
C GLY C 74 -27.29 7.03 -15.16
N ASP C 75 -27.08 6.98 -13.84
CA ASP C 75 -26.21 7.95 -13.17
C ASP C 75 -24.82 7.40 -12.90
N THR C 76 -24.54 6.16 -13.28
CA THR C 76 -23.28 5.53 -12.95
C THR C 76 -22.09 6.16 -13.66
N GLU C 77 -22.35 7.02 -14.63
CA GLU C 77 -21.32 7.33 -15.61
C GLU C 77 -20.61 8.62 -15.26
N VAL C 78 -21.35 9.61 -14.77
CA VAL C 78 -20.71 10.83 -14.29
C VAL C 78 -19.66 10.54 -13.22
N PRO C 79 -19.95 9.75 -12.18
CA PRO C 79 -18.90 9.52 -11.17
C PRO C 79 -17.69 8.80 -11.71
N ILE C 80 -17.88 7.81 -12.59
CA ILE C 80 -16.72 7.09 -13.09
C ILE C 80 -15.86 8.00 -13.94
N ARG C 81 -16.51 8.89 -14.71
CA ARG C 81 -15.75 9.93 -15.39
C ARG C 81 -14.99 10.77 -14.38
N GLY C 82 -15.64 11.13 -13.29
CA GLY C 82 -14.97 11.96 -12.30
C GLY C 82 -13.74 11.29 -11.73
N PHE C 83 -13.85 10.02 -11.38
CA PHE C 83 -12.73 9.39 -10.69
C PHE C 83 -11.66 8.93 -11.65
N VAL C 84 -12.01 8.64 -12.90
CA VAL C 84 -10.93 8.44 -13.86
C VAL C 84 -10.18 9.74 -14.06
N HIS C 85 -10.91 10.85 -14.14
CA HIS C 85 -10.26 12.15 -14.15
C HIS C 85 -9.38 12.32 -12.92
N MET C 86 -9.85 11.85 -11.77
CA MET C 86 -9.13 12.05 -10.53
C MET C 86 -7.81 11.28 -10.54
N LYS C 87 -7.86 10.00 -10.89
CA LYS C 87 -6.65 9.21 -11.00
C LYS C 87 -5.70 9.83 -12.00
N LEU C 88 -6.23 10.24 -13.16
CA LEU C 88 -5.42 10.91 -14.14
C LEU C 88 -4.73 12.12 -13.52
N HIS C 89 -5.49 12.91 -12.79
CA HIS C 89 -4.98 14.16 -12.24
C HIS C 89 -3.85 13.89 -11.26
N LYS C 90 -4.05 12.92 -10.38
CA LYS C 90 -2.99 12.58 -9.44
C LYS C 90 -1.74 12.14 -10.19
N LEU C 91 -1.90 11.21 -11.14
CA LEU C 91 -0.75 10.70 -11.86
C LEU C 91 -0.02 11.81 -12.60
N VAL C 92 -0.75 12.66 -13.29
CA VAL C 92 -0.10 13.68 -14.09
C VAL C 92 0.59 14.67 -13.19
N GLN C 93 -0.01 14.99 -12.04
CA GLN C 93 0.65 15.88 -11.11
C GLN C 93 1.98 15.29 -10.68
N LYS C 94 1.98 14.03 -10.24
CA LYS C 94 3.23 13.42 -9.81
C LYS C 94 4.26 13.45 -10.92
N SER C 95 3.89 12.96 -12.10
CA SER C 95 4.83 12.88 -13.20
C SER C 95 5.35 14.25 -13.57
N LEU C 96 4.46 15.23 -13.62
CA LEU C 96 4.84 16.54 -14.13
C LEU C 96 5.74 17.25 -13.14
N LEU C 97 5.47 17.10 -11.85
CA LEU C 97 6.40 17.65 -10.87
C LEU C 97 7.73 16.92 -10.96
N ALA C 98 7.69 15.63 -11.30
CA ALA C 98 8.95 14.90 -11.48
C ALA C 98 9.77 15.51 -12.59
N MET C 99 9.17 15.69 -13.76
CA MET C 99 9.91 16.26 -14.88
C MET C 99 10.31 17.70 -14.61
N GLN C 100 9.49 18.42 -13.83
CA GLN C 100 9.85 19.77 -13.45
C GLN C 100 11.11 19.77 -12.60
N LEU C 101 11.22 18.78 -11.71
CA LEU C 101 12.48 18.57 -11.01
C LEU C 101 13.59 18.26 -12.00
N ALA C 102 13.28 17.46 -13.01
CA ALA C 102 14.30 17.04 -13.96
C ALA C 102 14.80 18.19 -14.82
N LYS C 103 14.34 19.42 -14.57
CA LYS C 103 14.64 20.54 -15.43
C LYS C 103 14.28 20.19 -16.87
N ARG C 104 13.14 19.52 -17.04
CA ARG C 104 12.76 18.89 -18.28
C ARG C 104 11.59 19.68 -18.85
N LYS C 105 11.33 19.53 -20.14
CA LYS C 105 10.19 20.22 -20.74
C LYS C 105 9.16 19.29 -21.34
N THR C 106 9.43 17.99 -21.39
CA THR C 106 8.45 17.06 -21.93
C THR C 106 8.41 15.79 -21.10
N ILE C 107 7.22 15.22 -20.95
CA ILE C 107 7.07 13.95 -20.27
C ILE C 107 7.51 12.83 -21.21
N MET C 108 8.30 11.89 -20.68
CA MET C 108 8.61 10.67 -21.39
C MET C 108 8.19 9.47 -20.54
N LYS C 109 8.45 8.27 -21.07
CA LYS C 109 7.97 7.06 -20.43
C LYS C 109 8.48 6.94 -19.00
N SER C 110 9.80 7.08 -18.81
CA SER C 110 10.38 6.93 -17.48
C SER C 110 9.72 7.86 -16.48
N ASP C 111 9.28 9.02 -16.94
CA ASP C 111 8.66 9.99 -16.05
C ASP C 111 7.44 9.39 -15.37
N VAL C 112 6.43 9.04 -16.15
CA VAL C 112 5.22 8.47 -15.57
C VAL C 112 5.52 7.13 -14.94
N LYS C 113 6.58 6.46 -15.39
CA LYS C 113 6.97 5.21 -14.75
C LYS C 113 7.28 5.42 -13.27
N LYS C 114 8.25 6.28 -12.98
CA LYS C 114 8.59 6.52 -11.59
C LYS C 114 7.44 7.18 -10.84
N ALA C 115 6.67 8.03 -11.53
CA ALA C 115 5.52 8.63 -10.87
C ALA C 115 4.52 7.57 -10.42
N ALA C 116 4.24 6.60 -11.29
CA ALA C 116 3.24 5.59 -10.96
C ALA C 116 3.74 4.69 -9.85
N GLU C 117 5.02 4.30 -9.88
CA GLU C 117 5.49 3.45 -8.80
C GLU C 117 5.68 4.26 -7.51
N LEU C 118 5.67 5.59 -7.61
CA LEU C 118 5.47 6.42 -6.44
C LEU C 118 4.03 6.31 -5.94
N MET C 119 3.08 6.32 -6.88
CA MET C 119 1.70 6.00 -6.54
C MET C 119 1.59 4.59 -5.97
N HIS C 120 2.70 3.84 -5.97
CA HIS C 120 2.80 2.49 -5.44
C HIS C 120 2.09 1.49 -6.34
N LEU C 121 2.19 1.69 -7.65
CA LEU C 121 1.64 0.74 -8.61
C LEU C 121 2.76 0.10 -9.43
N PRO C 122 2.82 -1.22 -9.51
CA PRO C 122 3.85 -1.87 -10.33
C PRO C 122 3.51 -1.80 -11.81
N VAL C 123 4.34 -1.10 -12.58
CA VAL C 123 3.92 -0.55 -13.86
C VAL C 123 4.97 -0.87 -14.92
N PHE C 124 4.51 -1.09 -16.16
CA PHE C 124 5.39 -1.19 -17.34
C PHE C 124 4.56 -1.33 -18.61
N ALA C 125 5.11 -0.82 -19.71
CA ALA C 125 4.40 -0.82 -20.98
C ALA C 125 5.39 -0.76 -22.14
N ILE C 126 4.85 -0.81 -23.35
CA ILE C 126 5.64 -1.11 -24.53
C ILE C 126 6.31 0.17 -25.05
N PRO C 127 7.62 0.14 -25.33
CA PRO C 127 8.23 1.29 -25.99
C PRO C 127 8.21 1.19 -27.51
N THR C 128 8.02 -0.01 -28.05
CA THR C 128 8.17 -0.20 -29.49
C THR C 128 6.83 -0.11 -30.19
N LYS C 129 5.92 -1.01 -29.85
CA LYS C 129 4.60 -1.04 -30.47
C LYS C 129 3.56 -1.56 -29.49
N ASP C 130 2.91 -0.62 -28.79
CA ASP C 130 1.89 -0.98 -27.81
C ASP C 130 0.53 -1.14 -28.47
N SER C 131 -0.38 -1.81 -27.77
CA SER C 131 -1.74 -1.97 -28.24
C SER C 131 -2.42 -0.60 -28.30
N GLY C 132 -3.14 -0.36 -29.39
CA GLY C 132 -3.76 0.92 -29.59
C GLY C 132 -5.26 0.89 -29.32
N ALA C 133 -6.03 1.37 -30.30
CA ALA C 133 -7.47 1.43 -30.14
C ALA C 133 -8.20 0.55 -31.15
N LYS C 134 -7.67 0.51 -32.37
CA LYS C 134 -8.39 -0.10 -33.48
C LYS C 134 -7.57 -1.24 -34.09
N GLY C 135 -8.06 -2.46 -33.95
CA GLY C 135 -7.58 -3.39 -32.93
C GLY C 135 -8.66 -4.10 -32.13
N SER C 136 -9.88 -3.59 -32.14
CA SER C 136 -10.91 -4.05 -31.21
C SER C 136 -11.97 -4.93 -31.87
N VAL C 137 -12.74 -5.64 -31.05
CA VAL C 137 -13.96 -6.31 -31.52
C VAL C 137 -15.01 -5.25 -31.78
N PHE C 138 -15.69 -5.36 -32.92
CA PHE C 138 -16.56 -4.29 -33.41
C PHE C 138 -17.82 -4.19 -32.57
N LEU C 139 -18.44 -3.01 -32.58
CA LEU C 139 -19.67 -2.78 -31.84
C LEU C 139 -20.88 -3.41 -32.50
N SER C 140 -20.98 -3.33 -33.83
CA SER C 140 -22.12 -3.87 -34.54
C SER C 140 -22.04 -5.38 -34.71
N CYS C 141 -20.88 -5.99 -34.48
CA CYS C 141 -20.79 -7.44 -34.50
C CYS C 141 -21.18 -8.04 -33.16
N ARG C 142 -21.94 -7.27 -32.37
CA ARG C 142 -22.46 -7.71 -31.08
C ARG C 142 -23.62 -8.68 -31.24
N GLN C 143 -24.07 -8.88 -32.49
CA GLN C 143 -25.34 -9.52 -32.75
C GLN C 143 -25.26 -11.04 -32.68
N LYS C 144 -24.28 -11.65 -33.38
CA LYS C 144 -24.19 -13.11 -33.42
C LYS C 144 -25.48 -13.67 -34.01
N GLY C 145 -25.67 -13.48 -35.30
CA GLY C 145 -25.89 -14.63 -36.19
C GLY C 145 -25.18 -15.91 -35.80
N ALA C 146 -23.91 -15.83 -35.42
CA ALA C 146 -23.16 -17.02 -35.00
C ALA C 146 -23.14 -17.13 -33.48
N GLY C 147 -23.86 -18.10 -32.93
CA GLY C 147 -23.98 -18.22 -31.50
C GLY C 147 -24.74 -17.08 -30.87
N SER C 148 -26.06 -17.06 -31.10
CA SER C 148 -26.91 -15.91 -30.78
C SER C 148 -26.80 -15.52 -29.31
N ALA C 149 -26.65 -14.21 -29.08
CA ALA C 149 -26.59 -13.69 -27.73
C ALA C 149 -28.01 -13.57 -27.15
N GLY C 150 -28.10 -13.07 -25.92
CA GLY C 150 -29.38 -12.92 -25.28
C GLY C 150 -30.01 -14.23 -24.86
N THR C 151 -29.34 -14.94 -23.96
CA THR C 151 -29.81 -16.25 -23.53
C THR C 151 -29.87 -16.40 -22.01
N GLY C 152 -29.05 -15.67 -21.28
CA GLY C 152 -28.95 -15.83 -19.82
C GLY C 152 -27.57 -16.29 -19.42
N SER C 153 -27.25 -16.14 -18.13
CA SER C 153 -26.03 -16.74 -17.61
C SER C 153 -24.79 -16.20 -18.33
N GLU C 154 -24.32 -15.01 -17.95
CA GLU C 154 -25.03 -13.73 -18.07
C GLU C 154 -25.80 -13.58 -19.38
N THR C 155 -26.88 -12.78 -19.33
CA THR C 155 -27.82 -12.67 -20.43
C THR C 155 -27.14 -12.26 -21.73
N ASN C 156 -26.37 -11.17 -21.69
CA ASN C 156 -25.74 -10.68 -22.92
C ASN C 156 -24.77 -11.72 -23.49
N SER C 157 -23.83 -12.17 -22.67
CA SER C 157 -22.98 -13.33 -22.95
C SER C 157 -22.04 -13.11 -24.12
N GLN C 158 -22.20 -12.01 -24.85
CA GLN C 158 -21.35 -11.78 -26.01
C GLN C 158 -20.59 -10.47 -25.92
N GLU C 159 -21.28 -9.37 -25.60
CA GLU C 159 -20.62 -8.07 -25.57
C GLU C 159 -19.47 -8.08 -24.59
N VAL C 160 -19.73 -8.57 -23.37
CA VAL C 160 -18.71 -8.56 -22.32
C VAL C 160 -17.53 -9.42 -22.71
N ARG C 161 -17.77 -10.65 -23.18
CA ARG C 161 -16.66 -11.50 -23.58
C ARG C 161 -15.88 -10.87 -24.72
N SER C 162 -16.58 -10.37 -25.74
CA SER C 162 -15.91 -9.80 -26.89
C SER C 162 -15.03 -8.63 -26.50
N GLN C 163 -15.52 -7.78 -25.61
CA GLN C 163 -14.76 -6.59 -25.24
C GLN C 163 -13.63 -6.93 -24.28
N MET C 164 -13.83 -7.89 -23.39
CA MET C 164 -12.75 -8.27 -22.48
C MET C 164 -11.62 -8.94 -23.23
N LYS C 165 -11.93 -9.72 -24.26
CA LYS C 165 -10.90 -10.37 -25.04
C LYS C 165 -10.12 -9.42 -25.94
N SER C 166 -10.28 -8.10 -25.74
CA SER C 166 -9.59 -7.13 -26.58
C SER C 166 -8.34 -6.62 -25.87
N THR C 167 -7.18 -6.82 -26.51
CA THR C 167 -5.93 -6.28 -25.99
C THR C 167 -5.96 -4.75 -25.97
N CYS C 168 -6.66 -4.15 -26.91
CA CYS C 168 -6.47 -2.74 -27.22
C CYS C 168 -6.94 -1.85 -26.08
N LEU C 169 -6.36 -0.66 -26.02
CA LEU C 169 -6.91 0.38 -25.17
C LEU C 169 -8.26 0.79 -25.71
N ILE C 170 -9.19 1.08 -24.80
CA ILE C 170 -10.58 1.35 -25.16
C ILE C 170 -10.88 2.83 -25.30
N ILE C 171 -10.20 3.71 -24.56
CA ILE C 171 -10.44 5.15 -24.64
C ILE C 171 -9.74 5.69 -25.88
N PRO C 172 -10.42 6.48 -26.70
CA PRO C 172 -9.77 7.08 -27.87
C PRO C 172 -8.53 7.86 -27.44
N LYS C 173 -7.46 7.70 -28.21
CA LYS C 173 -6.15 8.16 -27.77
C LYS C 173 -6.11 9.68 -27.65
N GLU C 174 -6.69 10.40 -28.61
CA GLU C 174 -6.44 11.84 -28.67
C GLU C 174 -7.43 12.62 -27.82
N ARG C 175 -8.60 12.04 -27.55
CA ARG C 175 -9.44 12.63 -26.51
C ARG C 175 -8.70 12.61 -25.18
N PHE C 176 -8.07 11.48 -24.87
CA PHE C 176 -7.24 11.37 -23.69
C PHE C 176 -6.06 12.34 -23.76
N ARG C 177 -5.48 12.48 -24.95
CA ARG C 177 -4.39 13.44 -25.13
C ARG C 177 -4.88 14.86 -24.85
N THR C 178 -6.12 15.14 -25.24
CA THR C 178 -6.69 16.45 -24.98
C THR C 178 -6.87 16.67 -23.48
N MET C 179 -7.34 15.64 -22.77
CA MET C 179 -7.36 15.74 -21.31
C MET C 179 -5.98 16.02 -20.76
N ALA C 180 -4.98 15.29 -21.23
CA ALA C 180 -3.64 15.49 -20.70
C ALA C 180 -3.17 16.93 -20.91
N LYS C 181 -3.31 17.43 -22.12
CA LYS C 181 -2.89 18.78 -22.40
C LYS C 181 -3.70 19.79 -21.61
N GLU C 182 -5.02 19.57 -21.50
CA GLU C 182 -5.89 20.50 -20.81
C GLU C 182 -5.54 20.57 -19.32
N ILE C 183 -5.23 19.42 -18.72
CA ILE C 183 -4.88 19.44 -17.31
C ILE C 183 -3.50 20.04 -17.11
N SER C 184 -2.59 19.79 -18.05
CA SER C 184 -1.29 20.46 -18.00
C SER C 184 -1.44 21.95 -18.22
N LYS C 185 -2.57 22.36 -18.79
CA LYS C 185 -2.91 23.78 -18.79
C LYS C 185 -3.32 24.20 -17.39
N LYS C 186 -4.39 23.57 -16.88
CA LYS C 186 -5.09 24.08 -15.71
C LYS C 186 -4.17 24.06 -14.49
N GLU C 187 -3.20 23.16 -14.47
CA GLU C 187 -2.20 23.17 -13.41
C GLU C 187 -0.78 22.98 -13.92
N GLY C 188 -0.61 22.33 -15.08
CA GLY C 188 0.64 21.69 -15.41
C GLY C 188 1.77 22.51 -15.99
N HIS C 189 1.54 23.80 -16.25
CA HIS C 189 2.55 24.71 -16.79
C HIS C 189 2.75 24.43 -18.26
N ASP C 190 1.83 23.66 -18.85
CA ASP C 190 1.68 23.61 -20.30
C ASP C 190 2.95 23.14 -21.00
N VAL C 191 3.32 21.86 -20.81
CA VAL C 191 4.51 21.31 -21.45
C VAL C 191 4.11 20.20 -22.42
N HIS C 192 5.10 19.75 -23.21
CA HIS C 192 4.84 18.73 -24.22
C HIS C 192 4.65 17.35 -23.60
N ILE C 193 4.06 16.45 -24.38
CA ILE C 193 3.72 15.11 -23.94
C ILE C 193 4.30 14.14 -24.95
N ALA C 194 4.81 13.00 -24.47
CA ALA C 194 5.18 11.93 -25.38
C ALA C 194 4.04 10.90 -25.47
N GLU C 195 3.70 10.53 -26.70
CA GLU C 195 2.59 9.62 -26.90
C GLU C 195 2.87 8.27 -26.26
N ALA C 196 4.13 7.88 -26.16
CA ALA C 196 4.46 6.62 -25.49
C ALA C 196 4.11 6.71 -24.01
N ALA C 197 4.58 7.76 -23.34
CA ALA C 197 4.22 7.98 -21.94
C ALA C 197 2.72 8.17 -21.81
N LEU C 198 2.12 8.91 -22.74
CA LEU C 198 0.68 9.12 -22.73
C LEU C 198 -0.07 7.80 -22.79
N ASP C 199 0.40 6.86 -23.61
CA ASP C 199 -0.34 5.63 -23.79
C ASP C 199 -0.10 4.67 -22.64
N MET C 200 1.11 4.66 -22.09
CA MET C 200 1.30 3.88 -20.88
C MET C 200 0.45 4.44 -19.75
N LEU C 201 0.25 5.76 -19.77
CA LEU C 201 -0.70 6.36 -18.84
C LEU C 201 -2.11 5.86 -19.09
N GLN C 202 -2.52 5.83 -20.36
CA GLN C 202 -3.75 5.14 -20.74
C GLN C 202 -3.89 3.80 -20.03
N VAL C 203 -2.91 2.93 -20.19
CA VAL C 203 -3.10 1.58 -19.67
C VAL C 203 -3.16 1.62 -18.15
N ILE C 204 -2.33 2.45 -17.52
CA ILE C 204 -2.35 2.52 -16.07
C ILE C 204 -3.73 2.93 -15.57
N VAL C 205 -4.25 4.03 -16.13
CA VAL C 205 -5.49 4.57 -15.60
C VAL C 205 -6.65 3.65 -15.91
N GLU C 206 -6.69 3.08 -17.11
CA GLU C 206 -7.80 2.21 -17.46
C GLU C 206 -7.80 0.98 -16.58
N SER C 207 -6.64 0.35 -16.38
CA SER C 207 -6.62 -0.85 -15.56
C SER C 207 -6.96 -0.51 -14.12
N CYS C 208 -6.49 0.62 -13.61
CA CYS C 208 -6.80 0.99 -12.24
C CYS C 208 -8.31 1.19 -12.08
N THR C 209 -8.94 1.88 -13.01
CA THR C 209 -10.37 2.12 -12.88
C THR C 209 -11.15 0.82 -13.08
N VAL C 210 -10.63 -0.10 -13.87
CA VAL C 210 -11.26 -1.41 -13.98
C VAL C 210 -11.22 -2.12 -12.64
N ARG C 211 -10.07 -2.06 -11.96
CA ARG C 211 -10.00 -2.64 -10.63
C ARG C 211 -11.03 -2.00 -9.72
N LEU C 212 -11.18 -0.69 -9.82
CA LEU C 212 -12.20 0.01 -9.05
C LEU C 212 -13.58 -0.59 -9.34
N LEU C 213 -13.93 -0.68 -10.61
CA LEU C 213 -15.24 -1.19 -10.99
C LEU C 213 -15.44 -2.62 -10.54
N GLU C 214 -14.37 -3.42 -10.56
CA GLU C 214 -14.46 -4.79 -10.07
C GLU C 214 -14.83 -4.80 -8.60
N LYS C 215 -14.14 -3.99 -7.81
CA LYS C 215 -14.51 -3.85 -6.41
C LYS C 215 -15.95 -3.41 -6.27
N ALA C 216 -16.39 -2.51 -7.14
CA ALA C 216 -17.77 -2.04 -7.09
C ALA C 216 -18.75 -3.16 -7.38
N LEU C 217 -18.43 -4.01 -8.35
CA LEU C 217 -19.30 -5.13 -8.65
C LEU C 217 -19.37 -6.08 -7.46
N VAL C 218 -18.23 -6.30 -6.81
CA VAL C 218 -18.25 -7.09 -5.59
C VAL C 218 -19.21 -6.48 -4.60
N ILE C 219 -19.12 -5.16 -4.46
CA ILE C 219 -20.02 -4.45 -3.55
C ILE C 219 -21.47 -4.71 -3.93
N THR C 220 -21.80 -4.57 -5.20
CA THR C 220 -23.18 -4.74 -5.64
C THR C 220 -23.68 -6.13 -5.32
N TYR C 221 -22.88 -7.15 -5.63
CA TYR C 221 -23.33 -8.51 -5.35
C TYR C 221 -23.49 -8.74 -3.86
N SER C 222 -22.59 -8.19 -3.05
CA SER C 222 -22.82 -8.19 -1.62
C SER C 222 -24.13 -7.50 -1.27
N GLY C 223 -24.47 -6.44 -2.00
CA GLY C 223 -25.78 -5.85 -1.91
C GLY C 223 -26.87 -6.64 -2.58
N LYS C 224 -26.50 -7.79 -3.15
CA LYS C 224 -27.46 -8.81 -3.57
C LYS C 224 -28.32 -8.32 -4.74
N ARG C 225 -27.82 -7.38 -5.53
CA ARG C 225 -28.56 -6.85 -6.66
C ARG C 225 -27.68 -6.80 -7.90
N THR C 226 -28.34 -6.77 -9.06
CA THR C 226 -27.63 -6.94 -10.33
C THR C 226 -27.00 -5.64 -10.82
N ARG C 227 -27.82 -4.64 -11.10
CA ARG C 227 -27.31 -3.43 -11.74
C ARG C 227 -26.45 -2.64 -10.76
N VAL C 228 -25.41 -2.02 -11.30
CA VAL C 228 -24.51 -1.20 -10.49
C VAL C 228 -25.06 0.22 -10.46
N THR C 229 -24.92 0.89 -9.31
CA THR C 229 -25.29 2.28 -9.16
C THR C 229 -24.04 3.13 -9.00
N SER C 230 -24.20 4.43 -9.25
CA SER C 230 -23.12 5.36 -8.94
C SER C 230 -22.70 5.24 -7.49
N LYS C 231 -23.68 5.36 -6.58
CA LYS C 231 -23.42 5.24 -5.15
C LYS C 231 -22.50 4.06 -4.85
N ASP C 232 -22.68 2.98 -5.59
CA ASP C 232 -21.77 1.84 -5.45
C ASP C 232 -20.34 2.25 -5.74
N ILE C 233 -20.16 3.07 -6.78
CA ILE C 233 -18.81 3.48 -7.16
C ILE C 233 -18.20 4.37 -6.09
N GLU C 234 -18.97 5.32 -5.57
CA GLU C 234 -18.39 6.14 -4.50
C GLU C 234 -18.08 5.30 -3.27
N THR C 235 -18.91 4.30 -2.96
CA THR C 235 -18.57 3.41 -1.86
C THR C 235 -17.27 2.68 -2.13
N ALA C 236 -17.10 2.21 -3.37
CA ALA C 236 -15.86 1.53 -3.72
C ALA C 236 -14.66 2.43 -3.48
N PHE C 237 -14.75 3.68 -3.94
CA PHE C 237 -13.62 4.59 -3.76
C PHE C 237 -13.42 4.91 -2.29
N MET C 238 -14.51 4.98 -1.54
CA MET C 238 -14.44 5.22 -0.10
C MET C 238 -13.63 4.12 0.56
N LEU C 239 -13.91 2.87 0.22
CA LEU C 239 -13.08 1.79 0.74
C LEU C 239 -11.65 1.89 0.22
N GLU C 240 -11.50 2.36 -1.01
CA GLU C 240 -10.19 2.37 -1.64
C GLU C 240 -9.22 3.27 -0.88
N HIS C 241 -9.60 4.54 -0.67
CA HIS C 241 -8.84 5.37 0.25
C HIS C 241 -9.69 5.88 1.40
N GLY C 242 -10.81 6.51 1.10
CA GLY C 242 -11.62 7.13 2.12
C GLY C 242 -10.99 8.37 2.74
N ARG D 37 20.12 3.27 31.92
CA ARG D 37 21.56 3.34 32.07
C ARG D 37 22.22 3.95 30.83
N LYS D 38 22.12 3.23 29.71
CA LYS D 38 22.71 3.70 28.47
C LYS D 38 21.94 4.87 27.90
N ARG D 39 22.66 5.78 27.23
CA ARG D 39 22.02 6.97 26.67
C ARG D 39 21.21 6.60 25.43
N ASP D 40 20.35 7.52 25.01
CA ASP D 40 19.34 7.26 24.00
C ASP D 40 19.95 7.07 22.62
N LYS D 41 19.16 6.50 21.70
CA LYS D 41 19.64 6.16 20.37
C LYS D 41 18.79 6.76 19.27
N SER D 42 17.48 6.87 19.48
CA SER D 42 16.55 7.25 18.42
C SER D 42 16.59 8.75 18.18
N VAL D 43 15.60 9.24 17.42
CA VAL D 43 15.64 10.61 16.92
C VAL D 43 15.05 11.57 17.94
N ASN D 44 15.81 12.61 18.29
CA ASN D 44 15.47 13.54 19.35
C ASN D 44 14.19 14.33 19.07
N PHE D 45 13.21 14.24 19.97
CA PHE D 45 11.93 14.89 19.75
C PHE D 45 11.41 15.70 20.93
N ARG D 46 11.73 15.33 22.16
CA ARG D 46 10.95 15.76 23.32
C ARG D 46 10.93 17.28 23.43
N LEU D 47 12.09 17.88 23.70
CA LEU D 47 12.18 19.31 23.84
C LEU D 47 11.61 20.04 22.64
N GLY D 48 12.04 19.69 21.43
CA GLY D 48 11.57 20.40 20.25
C GLY D 48 10.07 20.36 20.12
N LEU D 49 9.46 19.21 20.45
CA LEU D 49 8.01 19.14 20.42
C LEU D 49 7.38 20.04 21.47
N ARG D 50 7.82 19.93 22.72
CA ARG D 50 7.35 20.88 23.72
C ARG D 50 7.90 22.27 23.46
N ASN D 51 9.03 22.38 22.77
CA ASN D 51 9.43 23.69 22.27
C ASN D 51 8.41 24.17 21.27
N MET D 52 8.17 25.48 21.27
CA MET D 52 7.24 26.14 20.37
C MET D 52 5.81 25.73 20.69
N LEU D 53 5.65 24.75 21.57
CA LEU D 53 4.33 24.34 22.03
C LEU D 53 3.64 25.45 22.80
N ALA D 54 4.38 26.15 23.66
CA ALA D 54 3.77 27.19 24.48
C ALA D 54 3.22 28.30 23.61
N GLN D 55 3.96 28.69 22.57
CA GLN D 55 3.45 29.73 21.68
C GLN D 55 2.22 29.23 20.93
N ILE D 56 2.16 27.93 20.66
CA ILE D 56 0.96 27.36 20.09
C ILE D 56 -0.17 27.38 21.11
N HIS D 57 0.11 26.93 22.32
CA HIS D 57 -0.85 26.99 23.41
C HIS D 57 -0.09 27.04 24.72
N PRO D 58 -0.08 28.19 25.41
CA PRO D 58 0.73 28.29 26.63
C PRO D 58 0.11 27.57 27.80
N ASP D 59 -1.19 27.72 28.01
CA ASP D 59 -1.87 27.08 29.12
C ASP D 59 -1.79 25.57 29.05
N ILE D 60 -1.71 25.02 27.84
CA ILE D 60 -1.89 23.60 27.63
C ILE D 60 -0.54 22.91 27.70
N SER D 61 -0.53 21.71 28.27
CA SER D 61 0.66 20.89 28.35
C SER D 61 0.44 19.60 27.56
N VAL D 62 1.36 18.66 27.71
CA VAL D 62 1.39 17.47 26.88
C VAL D 62 1.32 16.25 27.77
N GLN D 63 0.85 15.14 27.24
CA GLN D 63 1.12 13.85 27.85
C GLN D 63 2.37 13.23 27.24
N THR D 64 3.20 12.65 28.11
CA THR D 64 4.43 12.02 27.63
C THR D 64 4.13 10.99 26.56
N GLU D 65 3.10 10.18 26.77
CA GLU D 65 2.71 9.21 25.77
C GLU D 65 2.25 9.91 24.50
N ALA D 66 1.44 10.96 24.65
CA ALA D 66 1.07 11.76 23.48
C ALA D 66 2.30 12.42 22.87
N LEU D 67 3.30 12.73 23.68
CA LEU D 67 4.50 13.33 23.13
C LEU D 67 5.23 12.35 22.23
N SER D 68 5.37 11.10 22.68
CA SER D 68 5.96 10.07 21.82
C SER D 68 5.07 9.81 20.61
N GLU D 69 3.76 9.85 20.81
CA GLU D 69 2.81 9.79 19.71
C GLU D 69 3.22 10.76 18.60
N LEU D 70 3.23 12.05 18.93
CA LEU D 70 3.54 13.09 17.96
C LEU D 70 4.94 12.90 17.42
N SER D 71 5.87 12.46 18.27
CA SER D 71 7.22 12.21 17.80
C SER D 71 7.25 11.25 16.64
N ASN D 72 6.63 10.08 16.81
CA ASN D 72 6.77 9.10 15.76
C ASN D 72 5.96 9.50 14.55
N ILE D 73 4.85 10.23 14.76
CA ILE D 73 4.13 10.78 13.62
C ILE D 73 5.05 11.69 12.83
N ALA D 74 5.80 12.54 13.52
CA ALA D 74 6.71 13.45 12.86
C ALA D 74 7.77 12.69 12.07
N VAL D 75 8.37 11.67 12.69
CA VAL D 75 9.46 10.98 12.01
C VAL D 75 8.92 10.15 10.86
N PHE D 76 7.69 9.63 10.99
CA PHE D 76 7.04 8.99 9.84
C PHE D 76 6.85 9.95 8.70
N LEU D 77 6.36 11.15 8.99
CA LEU D 77 6.17 12.11 7.92
C LEU D 77 7.50 12.42 7.26
N GLY D 78 8.55 12.56 8.07
CA GLY D 78 9.87 12.74 7.52
C GLY D 78 10.29 11.60 6.62
N LYS D 79 10.08 10.36 7.08
CA LYS D 79 10.44 9.20 6.28
C LYS D 79 9.70 9.21 4.95
N LYS D 80 8.38 9.39 4.98
CA LYS D 80 7.61 9.32 3.75
C LYS D 80 8.04 10.39 2.77
N ILE D 81 8.12 11.64 3.22
CA ILE D 81 8.44 12.72 2.30
C ILE D 81 9.88 12.60 1.82
N SER D 82 10.77 12.16 2.71
CA SER D 82 12.16 11.97 2.29
C SER D 82 12.25 10.88 1.23
N HIS D 83 11.51 9.79 1.43
CA HIS D 83 11.50 8.71 0.45
C HIS D 83 10.97 9.20 -0.88
N GLY D 84 9.85 9.94 -0.85
CA GLY D 84 9.34 10.53 -2.08
C GLY D 84 10.38 11.38 -2.77
N ALA D 85 10.80 12.45 -2.11
CA ALA D 85 11.69 13.42 -2.77
C ALA D 85 12.96 12.75 -3.26
N VAL D 86 13.57 11.90 -2.43
CA VAL D 86 14.86 11.33 -2.76
C VAL D 86 14.67 10.14 -3.69
N THR D 87 14.05 9.09 -3.18
CA THR D 87 14.05 7.82 -3.90
C THR D 87 13.35 7.95 -5.24
N LEU D 88 12.39 8.84 -5.35
CA LEU D 88 11.50 8.85 -6.50
C LEU D 88 11.93 9.85 -7.57
N LEU D 89 12.12 11.10 -7.17
CA LEU D 89 12.06 12.18 -8.16
C LEU D 89 13.33 12.35 -8.98
N PRO D 90 14.52 12.58 -8.41
CA PRO D 90 15.67 12.94 -9.25
C PRO D 90 16.10 11.75 -10.10
N GLU D 91 16.11 11.96 -11.41
CA GLU D 91 16.67 10.96 -12.29
C GLU D 91 18.15 10.79 -12.00
N GLY D 92 18.63 9.56 -12.15
CA GLY D 92 20.04 9.29 -11.90
C GLY D 92 20.40 9.51 -10.44
N THR D 93 21.70 9.72 -10.21
CA THR D 93 22.25 9.95 -8.88
C THR D 93 22.25 11.42 -8.49
N LYS D 94 21.39 12.23 -9.10
CA LYS D 94 21.45 13.67 -8.93
C LYS D 94 21.18 14.05 -7.49
N THR D 95 21.83 15.13 -7.06
CA THR D 95 21.66 15.69 -5.73
C THR D 95 20.19 15.81 -5.36
N ILE D 96 19.88 15.57 -4.09
CA ILE D 96 18.57 15.94 -3.56
C ILE D 96 18.52 17.44 -3.29
N LYS D 97 17.55 18.10 -3.91
CA LYS D 97 17.43 19.55 -3.93
C LYS D 97 16.34 20.04 -2.97
N SER D 98 16.52 21.25 -2.47
CA SER D 98 15.47 21.89 -1.69
C SER D 98 14.16 21.91 -2.47
N SER D 99 14.23 22.28 -3.75
CA SER D 99 13.03 22.26 -4.59
C SER D 99 12.44 20.87 -4.67
N ALA D 100 13.30 19.84 -4.64
CA ALA D 100 12.80 18.48 -4.67
C ALA D 100 11.88 18.23 -3.49
N VAL D 101 12.36 18.52 -2.29
CA VAL D 101 11.54 18.36 -1.10
C VAL D 101 10.31 19.25 -1.18
N LEU D 102 10.48 20.44 -1.75
CA LEU D 102 9.36 21.35 -1.90
C LEU D 102 8.23 20.69 -2.67
N LEU D 103 8.55 20.15 -3.84
CA LEU D 103 7.54 19.46 -4.63
C LEU D 103 7.01 18.23 -3.89
N ALA D 104 7.89 17.52 -3.19
CA ALA D 104 7.48 16.33 -2.47
C ALA D 104 6.39 16.67 -1.47
N ALA D 105 6.63 17.71 -0.67
CA ALA D 105 5.62 18.15 0.26
C ALA D 105 4.37 18.60 -0.46
N GLY D 106 4.54 19.34 -1.55
CA GLY D 106 3.38 19.86 -2.24
C GLY D 106 2.43 18.76 -2.68
N ASP D 107 2.97 17.70 -3.25
CA ASP D 107 2.11 16.58 -3.62
C ASP D 107 1.61 15.86 -2.38
N LEU D 108 2.51 15.53 -1.46
CA LEU D 108 2.13 14.73 -0.31
C LEU D 108 1.09 15.46 0.54
N TYR D 109 1.29 16.75 0.74
CA TYR D 109 0.28 17.53 1.42
C TYR D 109 -0.89 17.78 0.48
N GLY D 110 -2.03 18.14 1.06
CA GLY D 110 -3.23 18.37 0.30
C GLY D 110 -3.12 19.50 -0.70
N LYS D 111 -4.16 19.71 -1.50
CA LYS D 111 -4.11 20.76 -2.51
C LYS D 111 -3.90 22.12 -1.85
N ASP D 112 -4.88 22.60 -1.11
CA ASP D 112 -4.77 23.87 -0.42
C ASP D 112 -3.70 23.85 0.65
N LEU D 113 -3.67 22.80 1.47
CA LEU D 113 -2.69 22.73 2.53
C LEU D 113 -1.29 22.68 1.94
N GLY D 114 -1.10 21.90 0.89
CA GLY D 114 0.20 21.87 0.23
C GLY D 114 0.59 23.22 -0.32
N ARG D 115 -0.35 23.92 -0.95
CA ARG D 115 -0.04 25.22 -1.52
C ARG D 115 0.39 26.20 -0.43
N HIS D 116 -0.35 26.23 0.67
CA HIS D 116 0.03 27.12 1.77
C HIS D 116 1.36 26.68 2.36
N ALA D 117 1.55 25.38 2.50
CA ALA D 117 2.75 24.85 3.12
C ALA D 117 3.98 25.20 2.32
N VAL D 118 3.90 25.10 0.99
CA VAL D 118 5.09 25.35 0.18
C VAL D 118 5.48 26.82 0.23
N GLY D 119 4.50 27.71 0.27
CA GLY D 119 4.82 29.11 0.49
C GLY D 119 5.53 29.30 1.81
N GLU D 120 5.03 28.63 2.85
CA GLU D 120 5.73 28.65 4.12
C GLU D 120 7.11 28.04 3.99
N MET D 121 7.26 27.09 3.08
CA MET D 121 8.56 26.44 2.89
C MET D 121 9.56 27.45 2.40
N THR D 122 9.17 28.19 1.37
CA THR D 122 10.02 29.25 0.84
C THR D 122 10.28 30.31 1.91
N LYS D 123 9.29 30.59 2.74
CA LYS D 123 9.52 31.50 3.85
C LYS D 123 10.63 30.98 4.75
N ALA D 124 10.61 29.68 5.04
CA ALA D 124 11.68 29.10 5.84
C ALA D 124 13.00 29.14 5.10
N VAL D 125 12.95 29.00 3.79
CA VAL D 125 14.17 29.13 2.98
C VAL D 125 14.78 30.50 3.20
N THR D 126 13.95 31.54 3.12
CA THR D 126 14.44 32.89 3.36
C THR D 126 14.96 33.04 4.78
N ARG D 127 14.24 32.47 5.75
CA ARG D 127 14.67 32.55 7.13
C ARG D 127 16.04 31.91 7.32
N TYR D 128 16.27 30.77 6.69
CA TYR D 128 17.55 30.11 6.87
C TYR D 128 18.63 30.79 6.04
N GLY D 129 18.25 31.47 4.96
CA GLY D 129 19.21 32.34 4.30
C GLY D 129 19.70 33.42 5.24
N SER D 130 18.76 34.03 5.96
CA SER D 130 19.14 35.01 6.99
C SER D 130 20.00 34.34 8.06
N ALA D 131 19.68 33.09 8.40
CA ALA D 131 20.48 32.35 9.37
C ALA D 131 21.92 32.19 8.89
N LYS D 132 22.08 31.70 7.66
CA LYS D 132 23.41 31.37 7.16
C LYS D 132 24.25 32.62 6.95
N GLU D 133 23.65 33.71 6.49
CA GLU D 133 24.42 34.96 6.42
C GLU D 133 24.80 35.44 7.82
N SER D 134 23.94 35.16 8.81
CA SER D 134 24.28 35.47 10.18
C SER D 134 25.39 34.55 10.66
N LYS D 135 26.36 35.15 11.37
CA LYS D 135 27.40 34.35 12.02
C LYS D 135 26.84 33.46 13.12
N GLU D 136 25.86 33.96 13.87
CA GLU D 136 25.16 33.16 14.87
C GLU D 136 24.66 31.86 14.26
N GLY D 137 23.97 31.96 13.12
CA GLY D 137 23.55 30.80 12.37
C GLY D 137 22.70 29.82 13.16
N SER D 138 23.00 28.53 13.00
CA SER D 138 22.21 27.48 13.62
C SER D 138 22.67 27.12 15.03
N ARG D 139 23.69 27.82 15.56
CA ARG D 139 24.14 27.54 16.92
C ARG D 139 23.00 27.66 17.92
N SER D 140 22.16 28.68 17.77
CA SER D 140 20.88 28.72 18.45
C SER D 140 19.73 28.36 17.51
N SER D 141 20.05 27.83 16.32
CA SER D 141 19.06 27.35 15.36
C SER D 141 18.16 28.47 14.85
N LYS D 142 18.53 29.72 15.18
CA LYS D 142 18.04 30.92 14.51
C LYS D 142 16.58 30.74 14.11
N ALA D 143 15.72 30.64 15.11
CA ALA D 143 14.28 30.64 14.86
C ALA D 143 13.83 29.41 14.10
N LYS D 144 14.70 28.42 13.90
CA LYS D 144 14.20 27.16 13.41
C LYS D 144 13.37 26.54 14.51
N LEU D 145 12.06 26.74 14.40
CA LEU D 145 11.17 26.65 15.55
C LEU D 145 11.21 25.28 16.20
N GLN D 146 11.20 24.23 15.39
CA GLN D 146 11.34 22.89 15.94
C GLN D 146 12.79 22.43 15.88
N ILE D 147 13.09 21.39 16.65
CA ILE D 147 14.39 20.72 16.57
C ILE D 147 14.56 20.09 15.20
N SER D 148 13.50 20.13 14.39
CA SER D 148 13.56 19.61 13.03
C SER D 148 14.81 20.05 12.29
N VAL D 149 15.36 21.21 12.65
CA VAL D 149 16.63 21.64 12.06
C VAL D 149 17.71 20.59 12.32
N ALA D 150 17.56 19.82 13.40
CA ALA D 150 18.55 18.80 13.72
C ALA D 150 18.14 17.44 13.19
N ARG D 151 16.84 17.12 13.23
CA ARG D 151 16.40 15.80 12.80
C ARG D 151 16.37 15.68 11.28
N SER D 152 16.35 16.81 10.58
CA SER D 152 16.19 16.79 9.13
C SER D 152 17.33 16.09 8.42
N GLU D 153 18.57 16.45 8.76
CA GLU D 153 19.71 15.81 8.15
C GLU D 153 19.67 14.31 8.35
N ARG D 154 19.26 13.87 9.55
CA ARG D 154 19.07 12.45 9.77
C ARG D 154 18.07 11.87 8.78
N LEU D 155 16.81 12.31 8.89
CA LEU D 155 15.74 11.69 8.11
C LEU D 155 16.04 11.69 6.62
N LEU D 156 16.79 12.66 6.13
CA LEU D 156 17.18 12.58 4.73
C LEU D 156 18.35 11.63 4.53
N ARG D 157 19.50 11.99 5.07
CA ARG D 157 20.74 11.35 4.65
C ARG D 157 20.78 9.89 5.04
N GLU D 158 20.32 9.54 6.24
CA GLU D 158 20.37 8.14 6.61
C GLU D 158 19.12 7.39 6.17
N HIS D 159 18.18 8.07 5.51
CA HIS D 159 17.21 7.34 4.70
C HIS D 159 17.89 6.64 3.55
N GLY D 160 19.09 7.10 3.18
CA GLY D 160 19.95 6.39 2.26
C GLY D 160 19.37 6.12 0.90
N GLY D 161 18.46 6.97 0.44
CA GLY D 161 18.02 6.83 -0.93
C GLY D 161 19.14 7.16 -1.88
N CYS D 162 19.94 8.16 -1.51
CA CYS D 162 21.24 8.43 -2.09
C CYS D 162 22.14 8.92 -0.97
N SER D 163 23.30 9.41 -1.36
CA SER D 163 24.17 10.13 -0.45
C SER D 163 24.19 11.62 -0.71
N ARG D 164 23.59 12.11 -1.80
CA ARG D 164 23.93 13.44 -2.29
C ARG D 164 22.79 14.38 -1.94
N VAL D 165 22.98 15.22 -0.92
CA VAL D 165 21.90 15.96 -0.28
C VAL D 165 22.31 17.42 -0.06
N SER D 166 21.49 18.35 -0.54
CA SER D 166 21.69 19.76 -0.25
C SER D 166 21.10 20.11 1.12
N GLU D 167 21.81 20.97 1.86
CA GLU D 167 21.32 21.41 3.15
C GLU D 167 19.99 22.16 3.01
N GLY D 168 19.82 22.88 1.91
CA GLY D 168 18.56 23.56 1.69
C GLY D 168 17.39 22.61 1.72
N ALA D 169 17.58 21.42 1.15
CA ALA D 169 16.55 20.39 1.25
C ALA D 169 16.25 20.06 2.70
N ALA D 170 17.28 20.00 3.53
CA ALA D 170 17.06 19.72 4.94
C ALA D 170 16.21 20.81 5.59
N VAL D 171 16.49 22.07 5.27
CA VAL D 171 15.68 23.14 5.81
C VAL D 171 14.24 23.00 5.31
N ALA D 172 14.08 22.59 4.06
CA ALA D 172 12.74 22.40 3.53
C ALA D 172 11.98 21.36 4.31
N LEU D 173 12.63 20.23 4.60
CA LEU D 173 12.00 19.22 5.45
C LEU D 173 11.66 19.80 6.80
N ALA D 174 12.60 20.50 7.42
CA ALA D 174 12.34 21.06 8.74
C ALA D 174 11.06 21.88 8.70
N ALA D 175 10.93 22.73 7.69
CA ALA D 175 9.74 23.55 7.58
C ALA D 175 8.49 22.69 7.38
N ALA D 176 8.57 21.69 6.50
CA ALA D 176 7.38 20.93 6.18
C ALA D 176 6.86 20.19 7.39
N ILE D 177 7.73 19.43 8.04
CA ILE D 177 7.34 18.72 9.24
C ILE D 177 6.89 19.69 10.31
N GLU D 178 7.51 20.87 10.35
CA GLU D 178 7.20 21.78 11.44
C GLU D 178 5.83 22.40 11.26
N TYR D 179 5.49 22.77 10.03
CA TYR D 179 4.13 23.24 9.77
C TYR D 179 3.11 22.15 10.03
N PHE D 180 3.39 20.93 9.59
CA PHE D 180 2.41 19.87 9.80
C PHE D 180 2.18 19.65 11.29
N MET D 181 3.26 19.57 12.05
CA MET D 181 3.16 19.39 13.49
C MET D 181 2.48 20.58 14.14
N GLY D 182 2.79 21.79 13.70
CA GLY D 182 2.15 22.94 14.29
C GLY D 182 0.65 22.92 14.10
N GLU D 183 0.19 22.60 12.89
CA GLU D 183 -1.23 22.58 12.63
C GLU D 183 -1.92 21.49 13.45
N VAL D 184 -1.38 20.27 13.39
CA VAL D 184 -2.04 19.19 14.12
C VAL D 184 -2.01 19.46 15.61
N LEU D 185 -0.90 19.97 16.12
CA LEU D 185 -0.76 20.20 17.55
C LEU D 185 -1.69 21.30 18.01
N GLU D 186 -1.85 22.34 17.20
CA GLU D 186 -2.79 23.40 17.54
C GLU D 186 -4.21 22.86 17.59
N LEU D 187 -4.58 22.04 16.61
CA LEU D 187 -5.91 21.44 16.65
C LEU D 187 -6.08 20.59 17.90
N ALA D 188 -5.04 19.83 18.25
CA ALA D 188 -5.10 18.99 19.43
C ALA D 188 -5.27 19.81 20.69
N GLY D 189 -4.50 20.89 20.82
CA GLY D 189 -4.61 21.74 21.99
C GLY D 189 -5.99 22.37 22.10
N ASN D 190 -6.55 22.76 20.96
CA ASN D 190 -7.92 23.26 20.95
C ASN D 190 -8.89 22.20 21.44
N ALA D 191 -8.67 20.96 21.00
CA ALA D 191 -9.51 19.87 21.50
C ALA D 191 -9.36 19.69 22.99
N ALA D 192 -8.13 19.78 23.50
CA ALA D 192 -7.89 19.62 24.92
C ALA D 192 -8.61 20.70 25.71
N ARG D 193 -8.54 21.94 25.23
CA ARG D 193 -9.31 23.01 25.85
C ARG D 193 -10.80 22.70 25.78
N ASP D 194 -11.24 22.12 24.66
CA ASP D 194 -12.62 21.68 24.56
C ASP D 194 -12.93 20.59 25.56
N SER D 195 -11.95 19.73 25.84
CA SER D 195 -12.06 18.77 26.91
C SER D 195 -11.57 19.33 28.23
N LYS D 196 -11.10 20.58 28.25
CA LYS D 196 -10.71 21.28 29.47
C LYS D 196 -9.58 20.55 30.18
N LYS D 197 -8.68 19.99 29.39
CA LYS D 197 -7.58 19.19 29.92
C LYS D 197 -6.29 19.99 29.84
N VAL D 198 -5.58 20.06 30.96
CA VAL D 198 -4.35 20.85 31.02
C VAL D 198 -3.30 20.28 30.09
N ARG D 199 -3.09 18.97 30.14
CA ARG D 199 -2.11 18.31 29.30
C ARG D 199 -2.83 17.49 28.23
N ILE D 200 -2.27 17.49 27.03
CA ILE D 200 -2.96 16.87 25.90
C ILE D 200 -3.09 15.38 26.14
N SER D 201 -4.11 14.77 25.54
CA SER D 201 -4.26 13.32 25.56
C SER D 201 -4.27 12.81 24.13
N VAL D 202 -3.95 11.52 23.98
CA VAL D 202 -3.81 10.92 22.66
C VAL D 202 -5.14 10.97 21.93
N LYS D 203 -6.25 10.78 22.63
CA LYS D 203 -7.55 10.88 22.00
C LYS D 203 -7.75 12.24 21.35
N HIS D 204 -7.17 13.29 21.93
CA HIS D 204 -7.27 14.59 21.28
C HIS D 204 -6.59 14.56 19.92
N ILE D 205 -5.41 13.95 19.83
CA ILE D 205 -4.73 13.84 18.54
C ILE D 205 -5.58 13.03 17.57
N THR D 206 -6.16 11.95 18.07
CA THR D 206 -7.02 11.12 17.22
C THR D 206 -8.14 11.95 16.63
N LEU D 207 -8.83 12.68 17.49
CA LEU D 207 -9.97 13.48 17.05
C LEU D 207 -9.53 14.56 16.08
N ALA D 208 -8.38 15.18 16.35
CA ALA D 208 -7.87 16.21 15.45
C ALA D 208 -7.63 15.64 14.06
N ILE D 209 -6.92 14.50 14.00
CA ILE D 209 -6.59 13.93 12.70
C ILE D 209 -7.84 13.51 11.95
N GLN D 210 -8.75 12.80 12.63
CA GLN D 210 -9.96 12.38 11.95
C GLN D 210 -10.81 13.59 11.55
N ASN D 211 -10.65 14.70 12.27
CA ASN D 211 -11.44 15.88 11.98
C ASN D 211 -11.03 16.53 10.67
N ASP D 212 -9.73 16.73 10.48
CA ASP D 212 -9.21 17.38 9.28
C ASP D 212 -8.90 16.33 8.23
N ALA D 213 -9.60 16.42 7.09
CA ALA D 213 -9.35 15.48 6.00
C ALA D 213 -7.93 15.63 5.49
N ALA D 214 -7.43 16.86 5.40
CA ALA D 214 -6.10 17.08 4.85
C ALA D 214 -5.05 16.32 5.64
N LEU D 215 -5.01 16.51 6.95
CA LEU D 215 -4.00 15.83 7.75
C LEU D 215 -4.20 14.33 7.71
N PHE D 216 -5.45 13.88 7.86
CA PHE D 216 -5.76 12.46 7.86
C PHE D 216 -5.23 11.77 6.61
N ALA D 217 -5.56 12.32 5.45
CA ALA D 217 -5.15 11.68 4.20
C ALA D 217 -3.64 11.53 4.13
N VAL D 218 -2.92 12.40 4.81
CA VAL D 218 -1.47 12.29 4.86
C VAL D 218 -1.08 11.16 5.79
N VAL D 219 -1.59 11.19 7.02
CA VAL D 219 -1.05 10.35 8.08
C VAL D 219 -2.07 9.40 8.67
N GLY D 220 -3.36 9.58 8.40
CA GLY D 220 -4.34 8.66 8.96
C GLY D 220 -4.20 7.24 8.47
N LYS D 221 -3.45 7.04 7.38
CA LYS D 221 -3.16 5.69 6.90
C LYS D 221 -2.46 4.87 7.98
N GLY D 222 -1.70 5.52 8.85
CA GLY D 222 -0.92 4.82 9.85
C GLY D 222 -1.77 4.26 10.98
N VAL D 223 -1.10 3.59 11.92
CA VAL D 223 -1.76 2.98 13.05
C VAL D 223 -1.19 3.59 14.32
N PHE D 224 -1.94 3.50 15.40
CA PHE D 224 -1.64 4.16 16.66
C PHE D 224 -2.55 3.59 17.74
N SER D 225 -2.52 4.24 18.91
CA SER D 225 -3.23 3.71 20.06
C SER D 225 -4.71 3.52 19.77
N GLY D 226 -5.32 2.61 20.51
CA GLY D 226 -6.75 2.41 20.42
C GLY D 226 -7.19 1.86 19.08
N ALA D 227 -8.48 2.04 18.79
CA ALA D 227 -9.06 1.46 17.58
C ALA D 227 -8.45 2.06 16.32
N GLY D 228 -8.18 3.36 16.33
CA GLY D 228 -7.69 4.02 15.14
C GLY D 228 -8.70 4.11 14.01
N VAL D 229 -9.96 4.41 14.33
CA VAL D 229 -11.00 4.39 13.32
C VAL D 229 -10.90 5.62 12.42
N SER D 230 -11.66 5.58 11.33
CA SER D 230 -11.89 6.76 10.52
C SER D 230 -13.26 7.38 10.78
N LEU D 231 -14.14 6.68 11.49
CA LEU D 231 -15.45 7.18 11.86
C LEU D 231 -16.24 7.58 10.61
N ILE D 232 -16.58 6.60 9.78
CA ILE D 232 -17.34 6.85 8.56
C ILE D 232 -18.66 7.52 8.90
N SER D 233 -19.05 8.48 8.08
CA SER D 233 -20.19 9.35 8.37
C SER D 233 -21.45 8.88 7.65
N VAL D 234 -22.54 9.58 7.94
CA VAL D 234 -23.85 9.35 7.34
C VAL D 234 -24.22 7.88 7.51
N PRO D 235 -24.57 7.44 8.72
CA PRO D 235 -25.05 6.06 8.89
C PRO D 235 -26.44 5.84 8.34
N ILE D 236 -26.65 6.09 7.06
CA ILE D 236 -27.98 6.01 6.44
C ILE D 236 -27.95 4.92 5.38
N PRO D 237 -29.02 4.11 5.26
CA PRO D 237 -29.04 3.10 4.18
C PRO D 237 -28.87 3.70 2.81
N ARG D 238 -27.88 3.24 2.05
CA ARG D 238 -27.56 3.83 0.75
C ARG D 238 -28.57 3.42 -0.32
#